data_4TVV
#
_entry.id   4TVV
#
_cell.length_a   98.650
_cell.length_b   55.490
_cell.length_c   131.420
_cell.angle_alpha   90.00
_cell.angle_beta   99.61
_cell.angle_gamma   90.00
#
_symmetry.space_group_name_H-M   'P 1 21 1'
#
loop_
_entity.id
_entity.type
_entity.pdbx_description
1 polymer 'Tyrosine phosphatase II superfamily protein'
2 non-polymer 'PHOSPHATE ION'
3 non-polymer 'CHLORIDE ION'
4 non-polymer 2-AMINO-2-HYDROXYMETHYL-PROPANE-1,3-DIOL
5 non-polymer GLYCEROL
6 water water
#
_entity_poly.entity_id   1
_entity_poly.type   'polypeptide(L)'
_entity_poly.pdbx_seq_one_letter_code
;MKKNHHHHHHLVPRGSKLASSIVCDSTIENPCIVQDSKTQFSPVIRYREVASIADVYGGNITGINKFHLSGSEQPSEKGW
EAIAESISRKMGAETKKVIVLDLRQESHGYLNGRAITLVSAYNWINLGKSNSQSTLDQENWLAGLRSRKIVNGVLTVPQY
VAKQYSQGKSMVVSTVKNEEYYVYKKGFDYYRIFISDHRAPLDSEVDALVALIKNNPEDTWYHVHCRGGKGRTTTVFAMF
DMLKNADKVSFEEIIARQASIPPFYNLMVTNREIPELTPYYEQRLQFLIHFYEFARQSLMGYSGTWSEWKKLNI
;
_entity_poly.pdbx_strand_id   A,B,C,D
#
loop_
_chem_comp.id
_chem_comp.type
_chem_comp.name
_chem_comp.formula
CL non-polymer 'CHLORIDE ION' 'Cl -1'
GOL non-polymer GLYCEROL 'C3 H8 O3'
PO4 non-polymer 'PHOSPHATE ION' 'O4 P -3'
TRS non-polymer 2-AMINO-2-HYDROXYMETHYL-PROPANE-1,3-DIOL 'C4 H12 N O3 1'
#
# COMPACT_ATOMS: atom_id res chain seq x y z
N SER A 21 33.26 10.39 -55.54
CA SER A 21 32.63 10.28 -54.23
C SER A 21 33.69 10.00 -53.16
N ILE A 22 33.26 10.00 -51.90
CA ILE A 22 34.15 9.77 -50.77
C ILE A 22 33.41 9.00 -49.68
N VAL A 23 34.06 8.02 -49.07
CA VAL A 23 33.53 7.36 -47.88
C VAL A 23 33.50 8.39 -46.75
N CYS A 24 32.43 8.36 -45.96
CA CYS A 24 32.27 9.33 -44.88
CA CYS A 24 32.27 9.34 -44.88
C CYS A 24 33.34 9.12 -43.81
N ASP A 25 33.56 10.14 -42.97
CA ASP A 25 34.49 10.03 -41.85
C ASP A 25 34.03 10.77 -40.58
N SER A 26 32.75 11.17 -40.58
CA SER A 26 32.10 11.83 -39.44
C SER A 26 32.56 13.27 -39.22
N THR A 27 33.23 13.87 -40.20
CA THR A 27 33.57 15.30 -40.11
C THR A 27 32.49 16.12 -40.81
N ILE A 28 32.49 17.42 -40.60
CA ILE A 28 31.50 18.26 -41.28
C ILE A 28 31.79 18.25 -42.77
N GLU A 29 33.05 18.02 -43.14
CA GLU A 29 33.42 17.90 -44.54
C GLU A 29 32.88 16.62 -45.20
N ASN A 30 32.92 15.51 -44.48
CA ASN A 30 32.48 14.22 -45.00
C ASN A 30 31.56 13.50 -44.00
N PRO A 31 30.33 14.01 -43.85
CA PRO A 31 29.40 13.44 -42.87
C PRO A 31 28.78 12.14 -43.33
N CYS A 32 28.23 11.40 -42.37
CA CYS A 32 27.72 10.06 -42.58
CA CYS A 32 27.73 10.07 -42.64
C CYS A 32 26.21 10.04 -42.72
N ILE A 33 25.68 9.19 -43.59
CA ILE A 33 24.26 8.92 -43.60
C ILE A 33 24.03 7.78 -42.62
N VAL A 34 23.28 8.05 -41.56
CA VAL A 34 22.99 7.05 -40.54
C VAL A 34 21.51 6.79 -40.49
N GLN A 35 21.15 5.52 -40.60
CA GLN A 35 19.76 5.13 -40.50
C GLN A 35 19.40 4.88 -39.03
N ASP A 36 18.40 5.63 -38.55
CA ASP A 36 17.95 5.55 -37.17
C ASP A 36 16.93 4.44 -36.93
N SER A 37 16.00 4.27 -37.87
CA SER A 37 14.96 3.24 -37.77
C SER A 37 15.55 1.92 -38.22
N LYS A 38 15.27 0.82 -37.53
CA LYS A 38 15.76 -0.48 -38.03
C LYS A 38 15.15 -0.76 -39.40
N THR A 39 13.86 -0.50 -39.52
CA THR A 39 13.13 -0.61 -40.78
C THR A 39 12.08 0.47 -40.85
N GLN A 40 11.31 0.51 -41.92
CA GLN A 40 10.19 1.46 -42.04
C GLN A 40 9.02 1.09 -41.13
N PHE A 41 9.10 -0.06 -40.48
CA PHE A 41 8.03 -0.55 -39.63
C PHE A 41 8.39 -0.55 -38.15
N SER A 42 9.56 -0.04 -37.79
CA SER A 42 10.04 -0.17 -36.41
CA SER A 42 10.01 -0.21 -36.41
C SER A 42 9.15 0.58 -35.43
N PRO A 43 8.94 0.03 -34.22
CA PRO A 43 8.09 0.66 -33.22
C PRO A 43 8.76 1.83 -32.53
N VAL A 44 7.89 2.62 -31.90
CA VAL A 44 8.30 3.75 -31.07
C VAL A 44 8.66 3.23 -29.68
N ILE A 45 9.89 3.48 -29.24
CA ILE A 45 10.41 2.89 -28.01
C ILE A 45 10.62 3.86 -26.85
N ARG A 46 10.46 5.17 -27.10
CA ARG A 46 10.51 6.18 -26.03
C ARG A 46 9.29 7.09 -26.07
N TYR A 47 8.13 6.54 -26.37
CA TYR A 47 6.89 7.30 -26.33
C TYR A 47 6.49 7.49 -24.87
N ARG A 48 6.07 8.71 -24.53
CA ARG A 48 5.48 8.98 -23.24
C ARG A 48 4.58 10.21 -23.29
N GLU A 49 3.71 10.33 -22.29
CA GLU A 49 2.78 11.45 -22.12
C GLU A 49 3.02 12.09 -20.76
N VAL A 50 3.26 13.38 -20.75
CA VAL A 50 3.61 14.10 -19.52
C VAL A 50 2.54 13.92 -18.42
N ALA A 51 1.27 13.92 -18.81
CA ALA A 51 0.22 13.82 -17.80
C ALA A 51 0.31 12.52 -16.98
N SER A 52 0.94 11.47 -17.53
CA SER A 52 1.12 10.21 -16.83
CA SER A 52 1.12 10.21 -16.83
CA SER A 52 1.06 10.23 -16.80
C SER A 52 1.95 10.36 -15.55
N ILE A 53 2.71 11.44 -15.45
CA ILE A 53 3.49 11.70 -14.25
C ILE A 53 2.55 11.67 -13.03
N ALA A 54 1.33 12.17 -13.19
CA ALA A 54 0.39 12.23 -12.06
C ALA A 54 0.01 10.85 -11.52
N ASP A 55 0.19 9.82 -12.35
CA ASP A 55 -0.19 8.45 -11.95
C ASP A 55 0.99 7.65 -11.42
N VAL A 56 2.20 8.22 -11.52
CA VAL A 56 3.43 7.48 -11.27
C VAL A 56 4.30 8.09 -10.17
N TYR A 57 4.43 9.42 -10.16
CA TYR A 57 5.40 10.10 -9.32
C TYR A 57 4.92 10.27 -7.89
N GLY A 58 5.80 9.98 -6.93
CA GLY A 58 5.47 10.03 -5.51
C GLY A 58 5.71 11.37 -4.82
N GLY A 59 6.17 12.36 -5.57
CA GLY A 59 6.35 13.71 -5.03
C GLY A 59 5.22 14.64 -5.43
N ASN A 60 5.54 15.90 -5.62
CA ASN A 60 4.53 16.89 -5.93
C ASN A 60 4.08 16.77 -7.39
N ILE A 61 2.80 16.45 -7.59
CA ILE A 61 2.24 16.33 -8.93
C ILE A 61 1.31 17.49 -9.31
N THR A 62 1.32 18.54 -8.50
CA THR A 62 0.47 19.70 -8.77
C THR A 62 0.70 20.26 -10.18
N GLY A 63 -0.38 20.42 -10.94
CA GLY A 63 -0.32 21.06 -12.23
C GLY A 63 0.12 20.19 -13.40
N ILE A 64 0.16 18.87 -13.21
CA ILE A 64 0.66 17.95 -14.24
C ILE A 64 -0.42 17.32 -15.08
N ASN A 65 -1.55 17.00 -14.46
CA ASN A 65 -2.47 16.07 -15.09
C ASN A 65 -3.31 16.62 -16.23
N LYS A 66 -3.22 17.92 -16.51
CA LYS A 66 -3.98 18.52 -17.60
C LYS A 66 -3.13 18.84 -18.84
N PHE A 67 -1.87 18.44 -18.83
CA PHE A 67 -1.03 18.67 -20.01
C PHE A 67 -1.51 17.83 -21.19
N HIS A 68 -1.40 18.42 -22.38
CA HIS A 68 -1.70 17.74 -23.63
C HIS A 68 -0.39 17.60 -24.39
N LEU A 69 0.45 16.70 -23.91
CA LEU A 69 1.85 16.70 -24.28
C LEU A 69 2.37 15.27 -24.34
N SER A 70 2.88 14.89 -25.50
CA SER A 70 3.52 13.59 -25.67
C SER A 70 4.90 13.80 -26.28
N GLY A 71 5.73 12.78 -26.23
CA GLY A 71 7.06 12.86 -26.80
C GLY A 71 7.59 11.52 -27.23
N SER A 72 8.61 11.55 -28.06
CA SER A 72 9.24 10.32 -28.55
C SER A 72 10.59 10.62 -29.16
N GLU A 73 11.27 9.55 -29.55
CA GLU A 73 12.40 9.63 -30.46
C GLU A 73 11.88 9.85 -31.89
N GLN A 74 12.80 9.98 -32.85
CA GLN A 74 12.39 10.08 -34.23
C GLN A 74 11.64 8.82 -34.70
N PRO A 75 10.39 8.95 -35.17
CA PRO A 75 9.65 7.74 -35.55
C PRO A 75 10.05 7.22 -36.92
N SER A 76 9.86 5.92 -37.11
CA SER A 76 9.83 5.33 -38.45
C SER A 76 8.54 5.77 -39.13
N GLU A 77 8.39 5.46 -40.42
CA GLU A 77 7.11 5.69 -41.09
C GLU A 77 5.94 5.11 -40.30
N LYS A 78 6.02 3.84 -39.91
CA LYS A 78 4.96 3.22 -39.15
C LYS A 78 4.81 3.83 -37.76
N GLY A 79 5.93 4.26 -37.18
CA GLY A 79 5.88 4.91 -35.88
C GLY A 79 4.94 6.10 -35.84
N TRP A 80 4.86 6.86 -36.92
CA TRP A 80 3.94 7.98 -36.94
C TRP A 80 2.50 7.54 -36.82
N GLU A 81 2.16 6.37 -37.37
CA GLU A 81 0.82 5.87 -37.23
C GLU A 81 0.53 5.49 -35.78
N ALA A 82 1.50 4.90 -35.10
CA ALA A 82 1.32 4.54 -33.69
C ALA A 82 1.12 5.81 -32.85
N ILE A 83 1.91 6.84 -33.12
CA ILE A 83 1.80 8.12 -32.40
CA ILE A 83 1.78 8.08 -32.38
C ILE A 83 0.42 8.72 -32.62
N ALA A 84 -0.01 8.77 -33.88
CA ALA A 84 -1.33 9.34 -34.18
C ALA A 84 -2.43 8.60 -33.46
N GLU A 85 -2.34 7.27 -33.42
CA GLU A 85 -3.36 6.48 -32.73
C GLU A 85 -3.35 6.72 -31.21
N SER A 86 -2.16 6.83 -30.63
CA SER A 86 -2.03 7.15 -29.20
C SER A 86 -2.67 8.49 -28.86
N ILE A 87 -2.39 9.50 -29.67
CA ILE A 87 -2.94 10.82 -29.43
C ILE A 87 -4.45 10.81 -29.61
N SER A 88 -4.94 10.13 -30.65
CA SER A 88 -6.37 10.04 -30.91
C SER A 88 -7.11 9.43 -29.72
N ARG A 89 -6.50 8.43 -29.08
CA ARG A 89 -7.16 7.74 -27.97
C ARG A 89 -7.24 8.62 -26.75
N LYS A 90 -6.23 9.46 -26.57
CA LYS A 90 -6.20 10.36 -25.44
C LYS A 90 -7.21 11.48 -25.65
N MET A 91 -7.31 11.98 -26.88
CA MET A 91 -8.31 12.97 -27.21
C MET A 91 -9.73 12.39 -27.16
N LYS A 96 -8.84 18.36 -31.15
CA LYS A 96 -7.95 19.45 -30.82
C LYS A 96 -6.80 19.48 -31.83
N LYS A 97 -6.27 20.67 -32.14
CA LYS A 97 -5.13 20.81 -33.04
C LYS A 97 -3.96 20.03 -32.46
N VAL A 98 -3.20 19.36 -33.33
CA VAL A 98 -1.97 18.69 -32.90
C VAL A 98 -0.80 19.33 -33.61
N ILE A 99 0.20 19.74 -32.82
CA ILE A 99 1.43 20.30 -33.37
C ILE A 99 2.58 19.36 -33.04
N VAL A 100 3.26 18.88 -34.07
CA VAL A 100 4.48 18.12 -33.91
C VAL A 100 5.64 19.12 -33.82
N LEU A 101 6.34 19.05 -32.70
CA LEU A 101 7.50 19.92 -32.45
CA LEU A 101 7.46 19.91 -32.44
C LEU A 101 8.78 19.15 -32.63
N ASP A 102 9.44 19.41 -33.75
CA ASP A 102 10.72 18.79 -34.12
C ASP A 102 11.80 19.68 -33.52
N LEU A 103 12.50 19.16 -32.54
CA LEU A 103 13.55 19.89 -31.80
C LEU A 103 14.94 19.79 -32.44
N ARG A 104 15.03 19.20 -33.62
CA ARG A 104 16.32 18.84 -34.16
C ARG A 104 16.95 19.92 -35.04
N GLN A 105 18.09 20.45 -34.64
CA GLN A 105 18.83 21.35 -35.53
C GLN A 105 19.44 20.61 -36.73
N GLU A 106 19.84 19.34 -36.51
CA GLU A 106 20.59 18.62 -37.53
C GLU A 106 19.69 18.18 -38.67
N SER A 107 20.28 18.05 -39.86
CA SER A 107 19.56 17.57 -41.03
C SER A 107 19.11 16.13 -40.88
N HIS A 108 17.85 15.88 -41.18
CA HIS A 108 17.29 14.54 -41.09
C HIS A 108 16.12 14.39 -42.04
N GLY A 109 15.72 13.14 -42.29
CA GLY A 109 14.58 12.87 -43.12
C GLY A 109 14.35 11.38 -43.21
N TYR A 110 13.86 10.94 -44.36
CA TYR A 110 13.45 9.55 -44.56
C TYR A 110 13.92 9.06 -45.91
N LEU A 111 14.35 7.81 -45.92
CA LEU A 111 14.73 7.11 -47.14
C LEU A 111 13.95 5.79 -47.13
N ASN A 112 13.01 5.65 -48.04
CA ASN A 112 12.17 4.46 -48.11
C ASN A 112 11.46 4.18 -46.76
N GLY A 113 11.04 5.24 -46.09
CA GLY A 113 10.30 5.12 -44.85
C GLY A 113 11.13 4.94 -43.60
N ARG A 114 12.46 4.83 -43.77
CA ARG A 114 13.37 4.72 -42.65
C ARG A 114 13.92 6.09 -42.31
N ALA A 115 13.91 6.41 -41.02
CA ALA A 115 14.45 7.69 -40.56
C ALA A 115 15.97 7.67 -40.73
N ILE A 116 16.49 8.75 -41.31
CA ILE A 116 17.93 8.93 -41.51
C ILE A 116 18.38 10.28 -41.02
N THR A 117 19.65 10.35 -40.62
CA THR A 117 20.28 11.59 -40.14
C THR A 117 21.58 11.81 -40.87
N LEU A 118 21.94 13.07 -41.13
CA LEU A 118 23.26 13.40 -41.65
C LEU A 118 24.14 13.74 -40.45
N VAL A 119 25.11 12.87 -40.16
CA VAL A 119 25.81 12.87 -38.89
C VAL A 119 27.29 13.27 -39.03
N SER A 120 27.66 14.34 -38.34
CA SER A 120 29.07 14.61 -38.04
C SER A 120 29.27 14.41 -36.54
N ALA A 121 30.51 14.51 -36.08
CA ALA A 121 30.83 14.21 -34.67
C ALA A 121 29.89 14.88 -33.69
N TYR A 122 29.40 14.08 -32.76
CA TYR A 122 28.42 14.45 -31.74
C TYR A 122 27.08 14.93 -32.29
N ASN A 123 26.82 14.62 -33.56
CA ASN A 123 25.56 14.92 -34.23
C ASN A 123 25.33 16.43 -34.33
N TRP A 124 26.38 17.13 -34.79
CA TRP A 124 26.40 18.59 -34.84
C TRP A 124 26.60 19.15 -36.27
N ILE A 125 26.00 18.52 -37.27
CA ILE A 125 26.25 18.93 -38.64
C ILE A 125 25.85 20.39 -38.90
N ASN A 126 24.81 20.88 -38.22
CA ASN A 126 24.31 22.24 -38.44
C ASN A 126 24.63 23.19 -37.28
N LEU A 127 25.53 22.78 -36.40
CA LEU A 127 25.93 23.63 -35.28
C LEU A 127 26.47 24.96 -35.79
N GLY A 128 26.02 26.05 -35.18
CA GLY A 128 26.50 27.39 -35.53
C GLY A 128 25.80 28.02 -36.72
N LYS A 129 24.92 27.28 -37.37
CA LYS A 129 24.24 27.79 -38.56
C LYS A 129 22.95 28.49 -38.17
N SER A 130 22.56 29.47 -38.98
CA SER A 130 21.23 30.05 -38.83
C SER A 130 20.18 28.99 -39.12
N ASN A 131 18.97 29.18 -38.63
CA ASN A 131 17.92 28.21 -38.90
C ASN A 131 17.60 28.12 -40.40
N SER A 132 17.69 29.26 -41.08
N SER A 132 17.69 29.23 -41.11
CA SER A 132 17.54 29.32 -42.52
CA SER A 132 17.40 29.16 -42.54
C SER A 132 18.51 28.37 -43.19
C SER A 132 18.51 28.41 -43.28
N GLN A 133 19.77 28.53 -42.83
CA GLN A 133 20.83 27.73 -43.45
C GLN A 133 20.69 26.26 -43.10
N SER A 134 20.30 25.96 -41.86
CA SER A 134 20.09 24.56 -41.49
C SER A 134 19.03 23.90 -42.38
N THR A 135 17.91 24.58 -42.58
CA THR A 135 16.86 24.06 -43.43
C THR A 135 17.32 23.93 -44.89
N LEU A 136 17.98 24.95 -45.41
CA LEU A 136 18.49 24.89 -46.78
C LEU A 136 19.43 23.69 -46.93
N ASP A 137 20.33 23.49 -45.97
CA ASP A 137 21.28 22.39 -46.07
C ASP A 137 20.57 21.03 -45.99
N GLN A 138 19.57 20.92 -45.13
CA GLN A 138 18.82 19.68 -45.09
C GLN A 138 18.12 19.42 -46.42
N GLU A 139 17.42 20.41 -46.94
CA GLU A 139 16.61 20.17 -48.12
C GLU A 139 17.49 19.92 -49.34
N ASN A 140 18.66 20.55 -49.37
CA ASN A 140 19.63 20.27 -50.44
C ASN A 140 20.17 18.84 -50.35
N TRP A 141 20.45 18.40 -49.13
CA TRP A 141 20.91 17.03 -48.91
C TRP A 141 19.86 16.03 -49.36
N LEU A 142 18.63 16.22 -48.91
CA LEU A 142 17.56 15.30 -49.27
C LEU A 142 17.31 15.32 -50.78
N ALA A 143 17.38 16.50 -51.39
CA ALA A 143 17.19 16.60 -52.84
C ALA A 143 18.27 15.82 -53.59
N GLY A 144 19.51 15.86 -53.08
CA GLY A 144 20.57 15.09 -53.68
C GLY A 144 20.33 13.60 -53.63
N LEU A 145 19.84 13.10 -52.49
CA LEU A 145 19.51 11.68 -52.39
C LEU A 145 18.35 11.33 -53.31
N ARG A 146 17.35 12.21 -53.35
CA ARG A 146 16.11 11.96 -54.08
C ARG A 146 16.36 11.77 -55.57
N SER A 147 17.41 12.42 -56.07
CA SER A 147 17.73 12.39 -57.49
C SER A 147 18.52 11.15 -57.91
N ARG A 148 18.98 10.36 -56.93
N ARG A 148 18.97 10.35 -56.94
CA ARG A 148 19.77 9.15 -57.23
CA ARG A 148 19.78 9.17 -57.24
C ARG A 148 18.90 7.91 -57.41
C ARG A 148 18.93 7.90 -57.38
N LYS A 149 19.37 6.99 -58.25
CA LYS A 149 18.70 5.72 -58.38
C LYS A 149 19.02 4.87 -57.15
N ILE A 150 20.26 4.97 -56.70
CA ILE A 150 20.78 4.19 -55.58
C ILE A 150 21.57 5.10 -54.63
N VAL A 151 21.32 4.95 -53.33
CA VAL A 151 22.11 5.64 -52.32
C VAL A 151 23.05 4.64 -51.66
N ASN A 152 24.32 5.00 -51.59
CA ASN A 152 25.33 4.14 -50.98
C ASN A 152 25.75 4.63 -49.61
N GLY A 153 26.36 3.72 -48.84
CA GLY A 153 26.99 4.08 -47.59
C GLY A 153 26.05 4.38 -46.44
N VAL A 154 24.89 3.74 -46.42
CA VAL A 154 23.95 3.97 -45.34
C VAL A 154 24.35 3.10 -44.15
N LEU A 155 24.76 3.74 -43.06
CA LEU A 155 25.22 3.06 -41.85
C LEU A 155 24.09 2.87 -40.85
N THR A 156 24.13 1.79 -40.09
CA THR A 156 23.31 1.67 -38.91
C THR A 156 24.02 2.40 -37.77
N VAL A 157 23.29 2.65 -36.68
CA VAL A 157 23.87 3.28 -35.52
C VAL A 157 25.07 2.47 -34.99
N PRO A 158 24.91 1.13 -34.80
CA PRO A 158 26.08 0.37 -34.35
C PRO A 158 27.29 0.50 -35.27
N GLN A 159 27.09 0.51 -36.59
CA GLN A 159 28.21 0.66 -37.51
C GLN A 159 28.86 2.03 -37.38
N TYR A 160 28.05 3.07 -37.25
CA TYR A 160 28.58 4.42 -37.07
C TYR A 160 29.40 4.51 -35.77
N VAL A 161 28.85 3.99 -34.68
CA VAL A 161 29.57 4.03 -33.41
C VAL A 161 30.89 3.28 -33.50
N ALA A 162 30.91 2.18 -34.26
CA ALA A 162 32.12 1.39 -34.39
C ALA A 162 33.07 1.97 -35.44
N LYS A 163 32.68 3.10 -36.02
CA LYS A 163 33.49 3.79 -37.04
C LYS A 163 33.73 2.91 -38.27
N GLN A 164 32.75 2.06 -38.57
CA GLN A 164 32.81 1.17 -39.71
C GLN A 164 32.24 1.87 -40.93
N TYR A 165 32.88 2.98 -41.29
CA TYR A 165 32.36 3.92 -42.27
C TYR A 165 32.20 3.35 -43.68
N SER A 166 33.00 2.35 -44.01
CA SER A 166 32.97 1.79 -45.35
C SER A 166 32.07 0.56 -45.47
N GLN A 167 31.38 0.21 -44.40
N GLN A 167 31.37 0.20 -44.40
CA GLN A 167 30.60 -1.03 -44.34
CA GLN A 167 30.60 -1.03 -44.36
C GLN A 167 29.10 -0.80 -44.53
C GLN A 167 29.10 -0.77 -44.46
N GLY A 168 28.73 0.40 -44.96
CA GLY A 168 27.33 0.74 -45.16
C GLY A 168 26.68 0.05 -46.33
N LYS A 169 25.36 -0.10 -46.28
CA LYS A 169 24.57 -0.70 -47.35
C LYS A 169 24.16 0.30 -48.42
N SER A 170 23.78 -0.23 -49.57
CA SER A 170 23.15 0.53 -50.62
C SER A 170 21.66 0.28 -50.62
N MET A 171 20.90 1.29 -51.04
CA MET A 171 19.45 1.20 -51.11
C MET A 171 18.97 1.72 -52.45
N VAL A 172 18.04 0.98 -53.07
CA VAL A 172 17.36 1.50 -54.26
C VAL A 172 16.34 2.52 -53.78
N VAL A 173 16.43 3.73 -54.32
CA VAL A 173 15.56 4.82 -53.88
C VAL A 173 14.14 4.62 -54.39
N SER A 174 13.19 4.55 -53.47
CA SER A 174 11.78 4.62 -53.82
C SER A 174 11.28 6.01 -53.44
N THR A 175 11.49 6.41 -52.19
CA THR A 175 11.12 7.74 -51.73
C THR A 175 12.21 8.34 -50.86
N VAL A 176 12.35 9.66 -50.95
CA VAL A 176 13.12 10.44 -49.99
C VAL A 176 12.21 11.57 -49.55
N LYS A 177 11.91 11.62 -48.26
CA LYS A 177 10.93 12.56 -47.73
C LYS A 177 11.47 13.27 -46.51
N ASN A 178 11.01 14.49 -46.29
CA ASN A 178 11.20 15.11 -45.00
C ASN A 178 10.10 14.69 -44.01
N GLU A 179 10.32 15.00 -42.74
CA GLU A 179 9.36 14.66 -41.71
C GLU A 179 7.97 15.25 -42.02
N GLU A 180 7.96 16.47 -42.55
CA GLU A 180 6.70 17.15 -42.82
C GLU A 180 5.77 16.28 -43.67
N TYR A 181 6.34 15.53 -44.63
CA TYR A 181 5.51 14.68 -45.47
C TYR A 181 4.63 13.76 -44.63
N TYR A 182 5.23 13.11 -43.63
CA TYR A 182 4.48 12.16 -42.80
C TYR A 182 3.56 12.84 -41.79
N VAL A 183 4.04 13.94 -41.22
CA VAL A 183 3.26 14.66 -40.23
C VAL A 183 2.00 15.25 -40.86
N TYR A 184 2.13 15.84 -42.04
CA TYR A 184 0.98 16.42 -42.70
C TYR A 184 -0.04 15.36 -43.12
N LYS A 185 0.44 14.17 -43.49
CA LYS A 185 -0.45 13.07 -43.86
C LYS A 185 -1.36 12.67 -42.69
N LYS A 186 -0.90 12.90 -41.47
CA LYS A 186 -1.70 12.57 -40.28
C LYS A 186 -2.62 13.72 -39.90
N GLY A 187 -2.57 14.82 -40.64
CA GLY A 187 -3.41 15.98 -40.36
C GLY A 187 -2.89 16.83 -39.23
N PHE A 188 -1.62 16.65 -38.89
CA PHE A 188 -0.97 17.45 -37.85
C PHE A 188 -0.21 18.65 -38.44
N ASP A 189 0.03 19.66 -37.61
CA ASP A 189 0.93 20.74 -37.96
C ASP A 189 2.36 20.37 -37.58
N TYR A 190 3.32 21.06 -38.18
CA TYR A 190 4.74 20.86 -37.92
C TYR A 190 5.38 22.19 -37.54
N TYR A 191 6.18 22.19 -36.49
CA TYR A 191 6.93 23.38 -36.09
C TYR A 191 8.32 22.95 -35.63
N ARG A 192 9.35 23.58 -36.18
CA ARG A 192 10.72 23.20 -35.88
C ARG A 192 11.41 24.21 -34.97
N ILE A 193 11.98 23.69 -33.89
CA ILE A 193 12.80 24.41 -32.92
C ILE A 193 14.19 23.83 -33.07
N PHE A 194 15.17 24.65 -33.42
CA PHE A 194 16.46 24.14 -33.88
C PHE A 194 17.46 24.05 -32.72
N ILE A 195 17.40 22.93 -31.98
CA ILE A 195 18.28 22.73 -30.85
C ILE A 195 19.42 21.78 -31.23
N SER A 196 20.65 22.15 -30.92
CA SER A 196 21.78 21.26 -31.17
C SER A 196 21.69 20.08 -30.23
N ASP A 197 22.02 18.90 -30.73
CA ASP A 197 21.97 17.70 -29.91
C ASP A 197 22.85 17.88 -28.66
N HIS A 198 22.37 17.38 -27.53
CA HIS A 198 23.11 17.38 -26.27
C HIS A 198 23.24 18.75 -25.60
N ARG A 199 22.61 19.78 -26.16
CA ARG A 199 22.80 21.16 -25.70
C ARG A 199 21.50 21.81 -25.30
N ALA A 200 21.65 22.92 -24.56
CA ALA A 200 20.54 23.84 -24.32
C ALA A 200 20.10 24.54 -25.58
N PRO A 201 18.82 24.92 -25.65
CA PRO A 201 18.37 25.80 -26.74
C PRO A 201 19.01 27.19 -26.65
N LEU A 202 19.27 27.79 -27.80
CA LEU A 202 19.70 29.17 -27.88
C LEU A 202 18.54 30.11 -27.61
N ASP A 203 18.85 31.37 -27.30
CA ASP A 203 17.80 32.31 -26.92
C ASP A 203 16.68 32.44 -27.95
N SER A 204 17.00 32.44 -29.23
CA SER A 204 15.96 32.56 -30.25
C SER A 204 14.99 31.41 -30.17
N GLU A 205 15.49 30.23 -29.84
CA GLU A 205 14.68 29.03 -29.82
C GLU A 205 13.85 28.95 -28.55
N VAL A 206 14.40 29.42 -27.43
CA VAL A 206 13.61 29.58 -26.22
C VAL A 206 12.45 30.55 -26.44
N ASP A 207 12.73 31.72 -27.00
CA ASP A 207 11.69 32.67 -27.29
C ASP A 207 10.62 32.02 -28.21
N ALA A 208 11.08 31.23 -29.19
CA ALA A 208 10.14 30.62 -30.12
C ALA A 208 9.22 29.62 -29.44
N LEU A 209 9.76 28.85 -28.51
CA LEU A 209 8.94 27.88 -27.80
C LEU A 209 7.92 28.58 -26.91
N VAL A 210 8.37 29.60 -26.17
CA VAL A 210 7.46 30.30 -25.26
C VAL A 210 6.34 30.93 -26.06
N ALA A 211 6.67 31.53 -27.20
CA ALA A 211 5.68 32.19 -28.03
C ALA A 211 4.71 31.18 -28.63
N LEU A 212 5.21 30.03 -29.07
CA LEU A 212 4.36 29.02 -29.66
C LEU A 212 3.27 28.60 -28.69
N ILE A 213 3.66 28.37 -27.44
CA ILE A 213 2.71 27.98 -26.41
C ILE A 213 1.67 29.09 -26.17
N LYS A 214 2.14 30.32 -26.09
CA LYS A 214 1.26 31.46 -25.84
C LYS A 214 0.28 31.70 -27.00
N ASN A 215 0.74 31.43 -28.21
CA ASN A 215 0.03 31.82 -29.42
C ASN A 215 -0.90 30.77 -29.96
N ASN A 216 -0.99 29.63 -29.27
CA ASN A 216 -1.95 28.60 -29.63
C ASN A 216 -2.86 28.35 -28.45
N PRO A 217 -4.06 27.80 -28.71
CA PRO A 217 -5.00 27.53 -27.60
C PRO A 217 -4.41 26.60 -26.54
N GLU A 218 -4.88 26.77 -25.32
CA GLU A 218 -4.45 25.97 -24.18
C GLU A 218 -4.71 24.48 -24.42
N ASP A 219 -5.69 24.15 -25.25
CA ASP A 219 -6.05 22.76 -25.51
C ASP A 219 -5.20 22.08 -26.56
N THR A 220 -4.28 22.82 -27.18
CA THR A 220 -3.47 22.27 -28.26
C THR A 220 -2.63 21.08 -27.79
N TRP A 221 -2.60 20.01 -28.56
CA TRP A 221 -1.75 18.86 -28.25
C TRP A 221 -0.40 19.03 -28.94
N TYR A 222 0.68 18.88 -28.20
CA TYR A 222 2.04 18.94 -28.73
C TYR A 222 2.66 17.56 -28.64
N HIS A 223 3.14 17.06 -29.78
CA HIS A 223 4.00 15.90 -29.79
C HIS A 223 5.42 16.36 -30.05
N VAL A 224 6.25 16.22 -29.04
CA VAL A 224 7.60 16.76 -29.03
C VAL A 224 8.57 15.63 -29.34
N HIS A 225 9.52 15.83 -30.25
CA HIS A 225 10.53 14.79 -30.41
C HIS A 225 11.85 15.34 -30.87
N CYS A 226 12.88 14.51 -30.66
CA CYS A 226 14.21 14.81 -31.09
C CYS A 226 14.74 13.61 -31.86
N ARG A 227 16.02 13.30 -31.77
CA ARG A 227 16.56 12.14 -32.51
C ARG A 227 16.37 10.90 -31.68
N GLY A 228 16.93 10.91 -30.47
CA GLY A 228 16.89 9.76 -29.58
C GLY A 228 15.76 9.77 -28.58
N GLY A 229 15.03 10.87 -28.48
CA GLY A 229 13.92 10.96 -27.56
C GLY A 229 14.34 11.17 -26.11
N LYS A 230 15.58 11.60 -25.91
CA LYS A 230 16.13 11.74 -24.57
C LYS A 230 16.27 13.22 -24.14
N GLY A 231 17.46 13.80 -24.29
CA GLY A 231 17.74 15.10 -23.68
C GLY A 231 16.91 16.26 -24.16
N ARG A 232 16.75 16.41 -25.46
CA ARG A 232 16.06 17.60 -25.97
C ARG A 232 14.58 17.56 -25.64
N THR A 233 13.92 16.42 -25.86
CA THR A 233 12.50 16.30 -25.56
C THR A 233 12.25 16.53 -24.06
N THR A 234 13.08 15.94 -23.22
CA THR A 234 12.86 16.08 -21.78
C THR A 234 13.10 17.55 -21.35
N THR A 235 14.10 18.20 -21.93
CA THR A 235 14.33 19.62 -21.65
C THR A 235 13.07 20.42 -21.95
N VAL A 236 12.50 20.21 -23.12
CA VAL A 236 11.31 20.97 -23.53
C VAL A 236 10.12 20.63 -22.64
N PHE A 237 9.94 19.37 -22.25
CA PHE A 237 8.89 19.05 -21.32
C PHE A 237 9.05 19.83 -20.00
N ALA A 238 10.28 19.88 -19.48
CA ALA A 238 10.56 20.64 -18.28
C ALA A 238 10.20 22.11 -18.48
N MET A 239 10.50 22.65 -19.67
CA MET A 239 10.18 24.06 -19.93
C MET A 239 8.66 24.30 -19.93
N PHE A 240 7.90 23.40 -20.58
CA PHE A 240 6.44 23.49 -20.54
C PHE A 240 5.92 23.48 -19.10
N ASP A 241 6.50 22.60 -18.30
CA ASP A 241 6.09 22.42 -16.90
C ASP A 241 6.39 23.72 -16.14
N MET A 242 7.59 24.25 -16.28
CA MET A 242 7.95 25.50 -15.61
C MET A 242 7.06 26.64 -16.04
N LEU A 243 6.74 26.77 -17.31
CA LEU A 243 5.94 27.89 -17.79
C LEU A 243 4.57 27.91 -17.13
N LYS A 244 4.05 26.74 -16.78
CA LYS A 244 2.75 26.67 -16.11
C LYS A 244 2.83 26.67 -14.60
N ASN A 245 3.88 26.11 -14.03
CA ASN A 245 3.89 25.74 -12.61
C ASN A 245 5.03 26.29 -11.74
N ALA A 246 5.96 27.06 -12.30
CA ALA A 246 7.16 27.43 -11.57
C ALA A 246 6.91 28.29 -10.35
N ASP A 247 5.75 28.94 -10.30
CA ASP A 247 5.40 29.77 -9.13
C ASP A 247 4.83 28.96 -7.98
N LYS A 248 4.51 27.69 -8.21
CA LYS A 248 3.89 26.84 -7.18
C LYS A 248 4.67 25.56 -6.89
N VAL A 249 5.55 25.17 -7.80
CA VAL A 249 6.31 23.94 -7.67
C VAL A 249 7.81 24.25 -7.75
N SER A 250 8.60 23.61 -6.89
CA SER A 250 10.03 23.87 -6.82
C SER A 250 10.76 23.37 -8.07
N PHE A 251 11.93 23.94 -8.33
CA PHE A 251 12.77 23.51 -9.42
C PHE A 251 13.07 22.01 -9.25
N GLU A 252 13.43 21.63 -8.03
CA GLU A 252 13.80 20.24 -7.74
C GLU A 252 12.67 19.27 -8.09
N GLU A 253 11.44 19.64 -7.71
CA GLU A 253 10.29 18.78 -7.97
C GLU A 253 9.94 18.73 -9.46
N ILE A 254 10.07 19.84 -10.16
CA ILE A 254 9.83 19.81 -11.61
C ILE A 254 10.79 18.85 -12.30
N ILE A 255 12.08 18.99 -12.02
CA ILE A 255 13.05 18.14 -12.70
C ILE A 255 12.84 16.68 -12.30
N ALA A 256 12.59 16.43 -11.02
CA ALA A 256 12.43 15.04 -10.58
C ALA A 256 11.18 14.42 -11.16
N ARG A 257 10.10 15.17 -11.24
CA ARG A 257 8.87 14.58 -11.75
C ARG A 257 8.98 14.32 -13.27
N GLN A 258 9.69 15.16 -14.00
CA GLN A 258 9.89 14.90 -15.41
C GLN A 258 10.73 13.64 -15.62
N ALA A 259 11.56 13.28 -14.63
CA ALA A 259 12.35 12.06 -14.68
C ALA A 259 11.58 10.79 -14.29
N SER A 260 10.32 10.93 -13.88
CA SER A 260 9.61 9.79 -13.30
C SER A 260 8.93 8.87 -14.29
N ILE A 261 8.81 9.31 -15.53
CA ILE A 261 8.17 8.51 -16.58
C ILE A 261 9.22 8.09 -17.60
N PRO A 262 8.97 6.99 -18.31
CA PRO A 262 10.00 6.52 -19.26
C PRO A 262 10.27 7.62 -20.28
N PRO A 263 11.54 7.82 -20.67
CA PRO A 263 12.73 7.02 -20.44
C PRO A 263 13.53 7.38 -19.20
N PHE A 264 12.90 8.04 -18.23
CA PHE A 264 13.51 8.30 -16.93
C PHE A 264 14.74 9.19 -17.07
N TYR A 265 14.55 10.28 -17.80
CA TYR A 265 15.63 11.18 -18.09
C TYR A 265 15.69 12.26 -17.01
N ASN A 266 16.75 12.21 -16.21
CA ASN A 266 16.97 13.13 -15.09
C ASN A 266 17.94 14.22 -15.52
N LEU A 267 17.42 15.43 -15.73
CA LEU A 267 18.22 16.54 -16.22
C LEU A 267 19.27 16.98 -15.20
N MET A 268 19.15 16.58 -13.94
CA MET A 268 20.18 16.87 -12.95
C MET A 268 21.45 16.11 -13.20
N VAL A 269 21.36 14.96 -13.88
CA VAL A 269 22.51 14.08 -14.02
C VAL A 269 23.32 14.51 -15.23
N THR A 270 24.50 15.07 -14.99
CA THR A 270 25.33 15.67 -16.03
C THR A 270 26.53 14.79 -16.38
N ASN A 271 26.73 13.71 -15.63
CA ASN A 271 27.72 12.70 -15.98
C ASN A 271 26.96 11.49 -16.54
N ARG A 272 26.91 11.39 -17.87
CA ARG A 272 26.07 10.40 -18.55
C ARG A 272 26.96 9.44 -19.35
N GLU A 273 26.45 8.86 -20.43
CA GLU A 273 27.18 7.79 -21.12
C GLU A 273 28.48 8.24 -21.77
N ILE A 274 28.47 9.43 -22.37
CA ILE A 274 29.61 9.93 -23.14
C ILE A 274 30.23 11.04 -22.32
N PRO A 275 31.41 10.79 -21.73
CA PRO A 275 31.97 11.80 -20.82
C PRO A 275 32.25 13.15 -21.47
N GLU A 276 32.58 13.16 -22.77
CA GLU A 276 32.92 14.38 -23.47
C GLU A 276 31.71 15.32 -23.63
N LEU A 277 30.52 14.82 -23.33
CA LEU A 277 29.32 15.67 -23.42
C LEU A 277 28.91 16.34 -22.11
N THR A 278 29.60 15.98 -21.03
CA THR A 278 29.33 16.58 -19.71
C THR A 278 29.26 18.12 -19.73
N PRO A 279 30.21 18.80 -20.42
CA PRO A 279 30.11 20.27 -20.41
C PRO A 279 28.77 20.79 -20.90
N TYR A 280 28.23 20.14 -21.93
CA TYR A 280 26.99 20.59 -22.54
C TYR A 280 25.80 20.28 -21.65
N TYR A 281 25.82 19.13 -20.99
CA TYR A 281 24.80 18.82 -20.02
C TYR A 281 24.82 19.79 -18.82
N GLU A 282 26.03 20.18 -18.39
CA GLU A 282 26.15 21.15 -17.32
C GLU A 282 25.62 22.51 -17.72
N GLN A 283 25.97 22.95 -18.93
CA GLN A 283 25.47 24.23 -19.40
C GLN A 283 23.95 24.20 -19.57
N ARG A 284 23.41 23.04 -19.97
CA ARG A 284 21.97 22.89 -20.12
C ARG A 284 21.25 23.03 -18.78
N LEU A 285 21.86 22.50 -17.74
CA LEU A 285 21.28 22.57 -16.40
C LEU A 285 21.29 24.03 -15.91
N GLN A 286 22.38 24.74 -16.14
CA GLN A 286 22.41 26.15 -15.79
C GLN A 286 21.32 26.91 -16.58
N PHE A 287 21.13 26.59 -17.85
CA PHE A 287 20.03 27.20 -18.61
C PHE A 287 18.69 26.93 -17.92
N LEU A 288 18.45 25.68 -17.55
CA LEU A 288 17.19 25.33 -16.92
C LEU A 288 16.93 26.10 -15.62
N ILE A 289 17.97 26.34 -14.85
CA ILE A 289 17.84 27.11 -13.60
C ILE A 289 17.42 28.55 -13.90
N HIS A 290 18.03 29.13 -14.92
CA HIS A 290 17.67 30.48 -15.32
C HIS A 290 16.24 30.53 -15.90
N PHE A 291 15.87 29.52 -16.69
CA PHE A 291 14.54 29.48 -17.27
C PHE A 291 13.48 29.35 -16.19
N TYR A 292 13.78 28.58 -15.15
CA TYR A 292 12.87 28.44 -14.01
C TYR A 292 12.56 29.80 -13.39
N GLU A 293 13.60 30.60 -13.19
N GLU A 293 13.59 30.61 -13.19
CA GLU A 293 13.42 31.93 -12.61
CA GLU A 293 13.39 31.91 -12.60
C GLU A 293 12.58 32.82 -13.52
C GLU A 293 12.58 32.83 -13.52
N PHE A 294 12.89 32.79 -14.82
CA PHE A 294 12.12 33.52 -15.80
C PHE A 294 10.65 33.09 -15.78
N ALA A 295 10.42 31.77 -15.78
CA ALA A 295 9.07 31.27 -15.80
C ALA A 295 8.31 31.67 -14.55
N ARG A 296 8.96 31.59 -13.41
CA ARG A 296 8.30 32.01 -12.19
C ARG A 296 7.94 33.50 -12.22
N GLN A 297 8.87 34.34 -12.65
CA GLN A 297 8.62 35.78 -12.68
C GLN A 297 7.52 36.08 -13.70
N SER A 298 7.46 35.30 -14.78
CA SER A 298 6.44 35.53 -15.78
C SER A 298 5.04 35.23 -15.25
N LEU A 299 4.94 34.28 -14.33
CA LEU A 299 3.67 33.96 -13.69
C LEU A 299 3.37 34.98 -12.60
N MET A 300 4.38 35.73 -12.18
CA MET A 300 4.20 36.74 -11.13
C MET A 300 4.00 38.15 -11.68
N GLY A 301 4.07 38.33 -12.99
CA GLY A 301 3.78 39.63 -13.58
C GLY A 301 4.73 40.12 -14.66
N TYR A 302 5.90 39.50 -14.80
CA TYR A 302 6.83 39.91 -15.86
C TYR A 302 6.19 39.57 -17.20
N SER A 303 6.13 40.55 -18.08
CA SER A 303 5.36 40.43 -19.30
C SER A 303 6.25 40.29 -20.54
N GLY A 304 7.57 40.41 -20.37
CA GLY A 304 8.49 40.40 -21.49
C GLY A 304 8.94 39.01 -21.89
N THR A 305 9.86 38.97 -22.84
CA THR A 305 10.36 37.70 -23.35
C THR A 305 11.59 37.20 -22.59
N TRP A 306 11.93 35.94 -22.83
CA TRP A 306 13.12 35.37 -22.27
C TRP A 306 14.36 36.16 -22.67
N SER A 307 14.46 36.52 -23.95
CA SER A 307 15.63 37.28 -24.40
C SER A 307 15.74 38.63 -23.70
N GLU A 308 14.60 39.25 -23.42
CA GLU A 308 14.55 40.58 -22.80
C GLU A 308 14.79 40.51 -21.30
N TRP A 309 14.64 39.32 -20.73
CA TRP A 309 14.60 39.19 -19.28
C TRP A 309 15.98 39.37 -18.63
N ILE B 22 8.13 1.82 16.88
CA ILE B 22 9.35 2.60 16.75
C ILE B 22 9.51 3.10 15.31
N VAL B 23 9.89 4.37 15.16
CA VAL B 23 10.14 4.94 13.83
C VAL B 23 11.32 4.23 13.19
N CYS B 24 11.19 3.90 11.90
CA CYS B 24 12.25 3.16 11.21
CA CYS B 24 12.23 3.17 11.18
C CYS B 24 13.51 4.00 11.02
N ASP B 25 14.62 3.33 10.77
CA ASP B 25 15.91 4.01 10.53
C ASP B 25 16.75 3.32 9.44
N SER B 26 16.12 2.43 8.69
CA SER B 26 16.71 1.73 7.55
C SER B 26 17.78 0.71 7.93
N THR B 27 17.83 0.29 9.19
CA THR B 27 18.70 -0.82 9.59
C THR B 27 17.90 -2.11 9.56
N ILE B 28 18.56 -3.27 9.63
CA ILE B 28 17.82 -4.52 9.68
C ILE B 28 17.05 -4.63 11.00
N GLU B 29 17.49 -3.89 12.02
CA GLU B 29 16.77 -3.86 13.29
C GLU B 29 15.47 -3.04 13.22
N ASN B 30 15.51 -1.94 12.50
CA ASN B 30 14.34 -1.06 12.33
C ASN B 30 14.15 -0.67 10.87
N PRO B 31 13.72 -1.64 10.06
CA PRO B 31 13.55 -1.38 8.63
C PRO B 31 12.29 -0.57 8.31
N CYS B 32 12.28 0.00 7.11
CA CYS B 32 11.24 0.93 6.68
CA CYS B 32 11.24 0.94 6.68
C CYS B 32 10.21 0.26 5.78
N ILE B 33 8.95 0.66 5.91
CA ILE B 33 7.94 0.26 4.93
C ILE B 33 7.95 1.32 3.86
N VAL B 34 8.24 0.92 2.62
CA VAL B 34 8.32 1.86 1.51
C VAL B 34 7.31 1.43 0.45
N GLN B 35 6.45 2.36 0.05
CA GLN B 35 5.49 2.12 -0.99
C GLN B 35 6.13 2.36 -2.36
N ASP B 36 6.02 1.37 -3.23
CA ASP B 36 6.59 1.41 -4.57
C ASP B 36 5.60 1.89 -5.64
N SER B 37 4.33 1.52 -5.50
CA SER B 37 3.27 1.98 -6.40
C SER B 37 2.65 3.24 -5.86
N LYS B 38 2.48 4.28 -6.68
CA LYS B 38 1.80 5.49 -6.20
C LYS B 38 0.40 5.18 -5.70
N THR B 39 -0.30 4.33 -6.46
CA THR B 39 -1.63 3.88 -6.08
C THR B 39 -1.81 2.44 -6.55
N GLN B 40 -2.95 1.85 -6.24
CA GLN B 40 -3.29 0.52 -6.71
C GLN B 40 -3.57 0.51 -8.21
N PHE B 41 -3.63 1.69 -8.82
CA PHE B 41 -3.93 1.83 -10.24
C PHE B 41 -2.72 2.23 -11.07
N SER B 42 -1.55 2.37 -10.45
CA SER B 42 -0.36 2.89 -11.14
CA SER B 42 -0.40 2.91 -11.16
C SER B 42 0.00 2.01 -12.34
N PRO B 43 0.34 2.62 -13.48
CA PRO B 43 0.70 1.84 -14.66
C PRO B 43 2.07 1.21 -14.56
N VAL B 44 2.30 0.25 -15.44
CA VAL B 44 3.60 -0.41 -15.55
C VAL B 44 4.50 0.48 -16.39
N ILE B 45 5.64 0.87 -15.83
CA ILE B 45 6.53 1.85 -16.46
C ILE B 45 7.81 1.29 -17.07
N ARG B 46 8.13 0.02 -16.78
CA ARG B 46 9.27 -0.66 -17.38
C ARG B 46 8.87 -2.01 -17.99
N TYR B 47 7.69 -2.04 -18.59
CA TYR B 47 7.27 -3.24 -19.30
C TYR B 47 8.06 -3.40 -20.61
N ARG B 48 8.49 -4.62 -20.90
CA ARG B 48 9.11 -4.94 -22.18
C ARG B 48 8.97 -6.41 -22.48
N GLU B 49 9.05 -6.72 -23.77
CA GLU B 49 9.01 -8.07 -24.28
C GLU B 49 10.30 -8.34 -25.06
N VAL B 50 10.96 -9.46 -24.79
CA VAL B 50 12.25 -9.74 -25.43
C VAL B 50 12.11 -9.82 -26.96
N ALA B 51 10.94 -10.24 -27.45
CA ALA B 51 10.67 -10.33 -28.89
C ALA B 51 10.90 -8.98 -29.58
N SER B 52 10.72 -7.89 -28.85
CA SER B 52 10.86 -6.55 -29.40
CA SER B 52 10.86 -6.56 -29.44
C SER B 52 12.30 -6.28 -29.90
N ILE B 53 13.27 -7.00 -29.35
CA ILE B 53 14.67 -6.81 -29.78
C ILE B 53 14.78 -7.00 -31.30
N ALA B 54 14.06 -7.98 -31.83
CA ALA B 54 14.10 -8.25 -33.27
C ALA B 54 13.56 -7.10 -34.13
N ASP B 55 12.76 -6.22 -33.52
CA ASP B 55 12.11 -5.12 -34.23
C ASP B 55 12.90 -3.82 -34.12
N VAL B 56 13.83 -3.77 -33.18
CA VAL B 56 14.44 -2.50 -32.79
C VAL B 56 15.95 -2.48 -32.93
N TYR B 57 16.59 -3.62 -32.66
CA TYR B 57 18.03 -3.68 -32.54
C TYR B 57 18.70 -3.86 -33.89
N GLY B 58 19.73 -3.04 -34.13
CA GLY B 58 20.40 -3.01 -35.42
C GLY B 58 21.59 -3.95 -35.59
N GLY B 59 21.89 -4.74 -34.56
CA GLY B 59 22.94 -5.74 -34.63
C GLY B 59 22.37 -7.14 -34.81
N ASN B 60 23.07 -8.10 -34.24
CA ASN B 60 22.69 -9.49 -34.39
C ASN B 60 21.45 -9.83 -33.56
N ILE B 61 20.38 -10.25 -34.24
CA ILE B 61 19.13 -10.64 -33.56
C ILE B 61 18.84 -12.16 -33.61
N THR B 62 19.83 -12.93 -34.03
CA THR B 62 19.72 -14.37 -34.13
C THR B 62 19.33 -15.00 -32.80
N GLY B 63 18.28 -15.83 -32.80
CA GLY B 63 17.90 -16.59 -31.62
C GLY B 63 16.96 -15.90 -30.65
N ILE B 64 16.57 -14.66 -30.94
CA ILE B 64 15.64 -13.96 -30.07
C ILE B 64 14.31 -14.69 -30.04
N ASN B 65 13.97 -15.40 -31.12
CA ASN B 65 12.75 -16.19 -31.18
C ASN B 65 12.75 -17.46 -30.32
N LYS B 66 13.89 -17.80 -29.70
CA LYS B 66 14.02 -19.06 -28.97
C LYS B 66 13.60 -18.99 -27.51
N PHE B 67 13.23 -17.80 -27.05
CA PHE B 67 12.77 -17.65 -25.69
C PHE B 67 11.73 -16.57 -25.63
N HIS B 68 10.87 -16.65 -24.61
CA HIS B 68 9.61 -15.91 -24.59
C HIS B 68 9.45 -15.25 -23.24
N LEU B 69 9.84 -13.98 -23.20
CA LEU B 69 9.90 -13.24 -21.95
C LEU B 69 9.21 -11.91 -22.07
N SER B 70 8.60 -11.53 -20.96
CA SER B 70 8.32 -10.14 -20.70
C SER B 70 8.98 -9.79 -19.37
N GLY B 71 9.12 -8.51 -19.11
CA GLY B 71 9.73 -8.04 -17.89
C GLY B 71 9.07 -6.77 -17.39
N SER B 72 9.23 -6.49 -16.10
CA SER B 72 8.73 -5.24 -15.54
C SER B 72 9.34 -5.00 -14.19
N GLU B 73 9.03 -3.82 -13.67
CA GLU B 73 9.20 -3.54 -12.25
C GLU B 73 8.08 -4.23 -11.46
N GLN B 74 8.08 -4.06 -10.14
CA GLN B 74 7.01 -4.64 -9.35
C GLN B 74 5.70 -3.97 -9.72
N PRO B 75 4.71 -4.73 -10.20
CA PRO B 75 3.44 -4.11 -10.62
C PRO B 75 2.54 -3.69 -9.46
N SER B 76 1.71 -2.69 -9.70
CA SER B 76 0.58 -2.43 -8.83
C SER B 76 -0.47 -3.50 -9.09
N GLU B 77 -1.53 -3.50 -8.29
CA GLU B 77 -2.65 -4.39 -8.55
C GLU B 77 -3.13 -4.28 -10.01
N LYS B 78 -3.34 -3.06 -10.49
CA LYS B 78 -3.82 -2.86 -11.86
C LYS B 78 -2.74 -3.27 -12.86
N GLY B 79 -1.49 -3.05 -12.50
CA GLY B 79 -0.38 -3.44 -13.35
C GLY B 79 -0.39 -4.91 -13.71
N TRP B 80 -0.79 -5.76 -12.78
CA TRP B 80 -0.88 -7.19 -13.10
C TRP B 80 -1.94 -7.46 -14.18
N GLU B 81 -3.04 -6.70 -14.16
CA GLU B 81 -4.06 -6.82 -15.19
C GLU B 81 -3.47 -6.42 -16.52
N ALA B 82 -2.72 -5.30 -16.54
CA ALA B 82 -2.11 -4.82 -17.78
C ALA B 82 -1.11 -5.83 -18.35
N ILE B 83 -0.31 -6.42 -17.48
CA ILE B 83 0.66 -7.43 -17.91
C ILE B 83 -0.03 -8.66 -18.46
N ALA B 84 -1.06 -9.14 -17.76
CA ALA B 84 -1.80 -10.30 -18.25
C ALA B 84 -2.41 -10.03 -19.62
N GLU B 85 -2.94 -8.83 -19.83
CA GLU B 85 -3.52 -8.46 -21.11
C GLU B 85 -2.46 -8.36 -22.20
N SER B 86 -1.30 -7.81 -21.88
CA SER B 86 -0.22 -7.72 -22.84
C SER B 86 0.23 -9.11 -23.29
N ILE B 87 0.41 -10.00 -22.33
CA ILE B 87 0.87 -11.35 -22.65
C ILE B 87 -0.18 -12.06 -23.49
N SER B 88 -1.45 -11.91 -23.14
CA SER B 88 -2.55 -12.50 -23.91
CA SER B 88 -2.53 -12.52 -23.92
C SER B 88 -2.56 -12.01 -25.35
N ARG B 89 -2.33 -10.71 -25.53
CA ARG B 89 -2.32 -10.14 -26.88
C ARG B 89 -1.18 -10.69 -27.71
N LYS B 90 -0.01 -10.83 -27.09
CA LYS B 90 1.14 -11.33 -27.82
C LYS B 90 0.92 -12.80 -28.22
N MET B 91 0.37 -13.59 -27.31
CA MET B 91 0.12 -15.01 -27.58
C MET B 91 -0.97 -15.24 -28.63
N GLY B 92 -1.98 -14.37 -28.63
CA GLY B 92 -3.09 -14.52 -29.56
C GLY B 92 -3.76 -15.88 -29.47
N ALA B 93 -3.84 -16.56 -30.61
CA ALA B 93 -4.60 -17.80 -30.70
C ALA B 93 -3.89 -19.01 -30.08
N GLU B 94 -2.61 -18.86 -29.81
CA GLU B 94 -1.81 -19.97 -29.31
C GLU B 94 -1.32 -19.70 -27.90
N THR B 95 -2.19 -19.95 -26.93
CA THR B 95 -1.86 -19.70 -25.53
C THR B 95 -0.88 -20.74 -24.98
N LYS B 96 0.07 -20.27 -24.18
CA LYS B 96 1.06 -21.12 -23.53
C LYS B 96 1.06 -20.86 -22.03
N LYS B 97 1.70 -21.75 -21.28
CA LYS B 97 1.86 -21.57 -19.84
C LYS B 97 2.63 -20.29 -19.55
N VAL B 98 2.22 -19.57 -18.51
CA VAL B 98 2.90 -18.37 -18.03
C VAL B 98 3.43 -18.62 -16.62
N ILE B 99 4.72 -18.37 -16.44
CA ILE B 99 5.38 -18.43 -15.14
C ILE B 99 5.90 -17.04 -14.81
N VAL B 100 5.48 -16.52 -13.66
CA VAL B 100 6.02 -15.27 -13.16
C VAL B 100 7.25 -15.58 -12.31
N LEU B 101 8.37 -14.97 -12.69
CA LEU B 101 9.62 -15.09 -11.95
C LEU B 101 9.83 -13.85 -11.11
N ASP B 102 9.64 -13.99 -9.80
CA ASP B 102 9.92 -12.93 -8.83
C ASP B 102 11.38 -13.08 -8.44
N LEU B 103 12.20 -12.10 -8.83
CA LEU B 103 13.63 -12.18 -8.58
C LEU B 103 14.10 -11.58 -7.24
N ARG B 104 13.16 -11.28 -6.35
CA ARG B 104 13.44 -10.46 -5.19
C ARG B 104 13.70 -11.26 -3.92
N GLN B 105 14.91 -11.14 -3.38
CA GLN B 105 15.20 -11.74 -2.08
C GLN B 105 14.48 -11.01 -0.95
N GLU B 106 14.35 -9.69 -1.07
CA GLU B 106 13.79 -8.86 -0.02
C GLU B 106 12.29 -9.10 0.15
N SER B 107 11.83 -8.89 1.38
CA SER B 107 10.43 -9.02 1.70
C SER B 107 9.63 -7.93 1.02
N HIS B 108 8.52 -8.34 0.39
CA HIS B 108 7.66 -7.39 -0.29
C HIS B 108 6.25 -7.94 -0.35
N GLY B 109 5.29 -7.07 -0.66
CA GLY B 109 3.92 -7.49 -0.80
C GLY B 109 3.06 -6.31 -1.22
N TYR B 110 1.82 -6.32 -0.75
CA TYR B 110 0.82 -5.34 -1.17
C TYR B 110 -0.01 -4.91 0.02
N LEU B 111 -0.27 -3.61 0.08
CA LEU B 111 -1.18 -3.03 1.07
C LEU B 111 -2.22 -2.28 0.26
N ASN B 112 -3.47 -2.74 0.30
CA ASN B 112 -4.55 -2.12 -0.47
C ASN B 112 -4.21 -1.98 -1.95
N GLY B 113 -3.56 -3.01 -2.46
CA GLY B 113 -3.24 -3.06 -3.88
C GLY B 113 -2.01 -2.26 -4.30
N ARG B 114 -1.38 -1.59 -3.35
CA ARG B 114 -0.13 -0.87 -3.60
C ARG B 114 1.05 -1.78 -3.26
N ALA B 115 2.03 -1.86 -4.15
CA ALA B 115 3.25 -2.61 -3.86
C ALA B 115 4.05 -1.93 -2.77
N ILE B 116 4.49 -2.72 -1.79
CA ILE B 116 5.32 -2.25 -0.68
C ILE B 116 6.53 -3.16 -0.48
N THR B 117 7.60 -2.58 0.06
CA THR B 117 8.83 -3.29 0.34
C THR B 117 9.24 -2.99 1.79
N LEU B 118 9.84 -3.98 2.44
CA LEU B 118 10.48 -3.79 3.74
C LEU B 118 11.95 -3.52 3.49
N VAL B 119 12.36 -2.27 3.71
CA VAL B 119 13.66 -1.78 3.26
C VAL B 119 14.65 -1.51 4.39
N SER B 120 15.82 -2.14 4.28
CA SER B 120 16.99 -1.70 5.04
C SER B 120 18.03 -1.23 4.01
N ALA B 121 19.16 -0.70 4.50
CA ALA B 121 20.20 -0.11 3.65
C ALA B 121 20.51 -0.97 2.42
N TYR B 122 20.43 -0.32 1.26
CA TYR B 122 20.67 -0.89 -0.06
C TYR B 122 19.65 -1.96 -0.44
N ASN B 123 18.52 -1.98 0.26
CA ASN B 123 17.42 -2.91 0.01
C ASN B 123 17.85 -4.36 0.23
N TRP B 124 18.52 -4.59 1.35
CA TRP B 124 19.11 -5.90 1.67
C TRP B 124 18.56 -6.51 2.97
N ILE B 125 17.26 -6.37 3.22
CA ILE B 125 16.70 -6.86 4.48
C ILE B 125 16.92 -8.35 4.71
N ASN B 126 16.93 -9.14 3.63
CA ASN B 126 17.03 -10.60 3.76
C ASN B 126 18.39 -11.15 3.33
N LEU B 127 19.37 -10.27 3.19
CA LEU B 127 20.72 -10.69 2.82
C LEU B 127 21.23 -11.69 3.83
N GLY B 128 21.78 -12.80 3.33
CA GLY B 128 22.43 -13.79 4.16
C GLY B 128 21.49 -14.85 4.67
N LYS B 129 20.19 -14.69 4.44
CA LYS B 129 19.21 -15.65 4.94
C LYS B 129 18.95 -16.77 3.96
N SER B 130 18.55 -17.93 4.47
CA SER B 130 18.09 -19.00 3.59
C SER B 130 16.80 -18.54 2.93
N ASN B 131 16.48 -19.12 1.78
CA ASN B 131 15.26 -18.74 1.09
C ASN B 131 14.01 -19.01 1.93
N SER B 132 14.01 -20.12 2.66
CA SER B 132 12.92 -20.42 3.58
C SER B 132 12.76 -19.34 4.63
N GLN B 133 13.86 -18.90 5.22
CA GLN B 133 13.81 -17.85 6.23
C GLN B 133 13.36 -16.51 5.62
N SER B 134 13.84 -16.18 4.42
CA SER B 134 13.38 -14.96 3.74
C SER B 134 11.86 -14.97 3.57
N THR B 135 11.31 -16.10 3.13
CA THR B 135 9.88 -16.24 2.90
C THR B 135 9.12 -16.14 4.22
N LEU B 136 9.59 -16.86 5.23
CA LEU B 136 8.92 -16.84 6.52
C LEU B 136 8.91 -15.42 7.09
N ASP B 137 10.05 -14.72 6.96
CA ASP B 137 10.14 -13.36 7.49
C ASP B 137 9.20 -12.43 6.73
N GLN B 138 9.12 -12.55 5.40
CA GLN B 138 8.15 -11.79 4.65
C GLN B 138 6.73 -12.06 5.12
N GLU B 139 6.38 -13.33 5.28
CA GLU B 139 5.01 -13.67 5.57
C GLU B 139 4.60 -13.27 6.99
N ASN B 140 5.52 -13.37 7.94
CA ASN B 140 5.25 -12.84 9.28
C ASN B 140 5.14 -11.31 9.30
N TRP B 141 5.95 -10.62 8.50
CA TRP B 141 5.80 -9.17 8.35
C TRP B 141 4.41 -8.83 7.79
N LEU B 142 4.01 -9.46 6.68
CA LEU B 142 2.70 -9.21 6.10
C LEU B 142 1.55 -9.57 7.04
N ALA B 143 1.69 -10.67 7.77
CA ALA B 143 0.65 -11.05 8.74
C ALA B 143 0.49 -9.99 9.83
N GLY B 144 1.61 -9.40 10.26
CA GLY B 144 1.59 -8.33 11.25
C GLY B 144 0.86 -7.11 10.73
N LEU B 145 1.07 -6.74 9.47
CA LEU B 145 0.33 -5.63 8.89
C LEU B 145 -1.14 -5.96 8.75
N ARG B 146 -1.42 -7.19 8.32
CA ARG B 146 -2.77 -7.62 8.00
C ARG B 146 -3.68 -7.57 9.23
N SER B 147 -3.09 -7.71 10.41
CA SER B 147 -3.88 -7.75 11.64
C SER B 147 -4.17 -6.35 12.20
N ARG B 148 -3.57 -5.31 11.64
CA ARG B 148 -3.77 -3.96 12.14
C ARG B 148 -4.97 -3.29 11.49
N LYS B 149 -5.60 -2.36 12.21
CA LYS B 149 -6.66 -1.57 11.60
C LYS B 149 -6.03 -0.52 10.68
N ILE B 150 -4.93 0.06 11.15
CA ILE B 150 -4.20 1.13 10.44
C ILE B 150 -2.71 0.83 10.47
N VAL B 151 -2.07 0.90 9.32
CA VAL B 151 -0.61 0.81 9.24
C VAL B 151 -0.03 2.21 9.20
N ASN B 152 0.99 2.44 10.03
CA ASN B 152 1.67 3.72 10.10
C ASN B 152 3.04 3.70 9.44
N GLY B 153 3.53 4.88 9.10
CA GLY B 153 4.91 5.02 8.67
C GLY B 153 5.21 4.50 7.28
N VAL B 154 4.23 4.59 6.38
CA VAL B 154 4.45 4.16 5.00
C VAL B 154 5.11 5.30 4.23
N LEU B 155 6.37 5.11 3.87
CA LEU B 155 7.17 6.12 3.19
C LEU B 155 7.05 5.97 1.69
N THR B 156 7.12 7.08 0.97
CA THR B 156 7.30 7.04 -0.45
C THR B 156 8.79 6.85 -0.70
N VAL B 157 9.15 6.46 -1.92
CA VAL B 157 10.56 6.32 -2.26
C VAL B 157 11.35 7.62 -2.03
N PRO B 158 10.82 8.78 -2.48
CA PRO B 158 11.58 10.00 -2.19
C PRO B 158 11.74 10.31 -0.70
N GLN B 159 10.75 9.97 0.12
CA GLN B 159 10.89 10.20 1.55
C GLN B 159 11.98 9.29 2.11
N TYR B 160 12.01 8.04 1.66
CA TYR B 160 13.03 7.11 2.13
C TYR B 160 14.43 7.62 1.74
N VAL B 161 14.60 8.01 0.48
CA VAL B 161 15.88 8.52 0.02
C VAL B 161 16.33 9.73 0.83
N ALA B 162 15.39 10.58 1.21
CA ALA B 162 15.69 11.80 1.94
C ALA B 162 15.84 11.54 3.44
N LYS B 163 15.64 10.29 3.85
CA LYS B 163 15.77 9.88 5.25
C LYS B 163 14.71 10.56 6.13
N GLN B 164 13.54 10.81 5.53
CA GLN B 164 12.44 11.43 6.26
C GLN B 164 11.59 10.36 6.92
N TYR B 165 12.23 9.59 7.79
CA TYR B 165 11.66 8.36 8.33
C TYR B 165 10.39 8.57 9.15
N SER B 166 10.24 9.75 9.75
CA SER B 166 9.10 10.03 10.62
C SER B 166 7.92 10.64 9.87
N GLN B 167 8.04 10.76 8.55
CA GLN B 167 7.08 11.52 7.77
C GLN B 167 6.16 10.64 6.93
N GLY B 168 6.16 9.34 7.20
CA GLY B 168 5.34 8.41 6.42
C GLY B 168 3.85 8.54 6.74
N LYS B 169 3.02 8.22 5.77
CA LYS B 169 1.57 8.28 5.92
C LYS B 169 1.03 7.05 6.60
N SER B 170 -0.19 7.16 7.08
CA SER B 170 -0.93 6.04 7.62
C SER B 170 -1.94 5.57 6.60
N MET B 171 -2.25 4.27 6.64
CA MET B 171 -3.23 3.69 5.73
C MET B 171 -4.20 2.76 6.47
N VAL B 172 -5.48 2.93 6.21
CA VAL B 172 -6.48 2.02 6.73
C VAL B 172 -6.38 0.71 5.98
N VAL B 173 -6.19 -0.38 6.72
CA VAL B 173 -6.05 -1.70 6.09
C VAL B 173 -7.36 -2.23 5.54
N SER B 174 -7.38 -2.48 4.24
CA SER B 174 -8.47 -3.22 3.61
CA SER B 174 -8.47 -3.23 3.62
C SER B 174 -7.96 -4.61 3.26
N THR B 175 -6.83 -4.67 2.55
CA THR B 175 -6.18 -5.94 2.23
C THR B 175 -4.67 -5.84 2.40
N VAL B 176 -4.06 -6.95 2.80
CA VAL B 176 -2.61 -7.13 2.76
C VAL B 176 -2.38 -8.45 2.06
N LYS B 177 -1.68 -8.40 0.94
CA LYS B 177 -1.48 -9.59 0.12
C LYS B 177 -0.04 -9.77 -0.26
N ASN B 178 0.32 -11.02 -0.49
CA ASN B 178 1.59 -11.28 -1.16
C ASN B 178 1.39 -11.30 -2.69
N GLU B 179 2.50 -11.34 -3.43
CA GLU B 179 2.44 -11.36 -4.87
C GLU B 179 1.69 -12.58 -5.40
N GLU B 180 1.84 -13.73 -4.72
CA GLU B 180 1.20 -14.95 -5.15
C GLU B 180 -0.30 -14.75 -5.36
N TYR B 181 -0.92 -13.95 -4.49
CA TYR B 181 -2.35 -13.69 -4.65
C TYR B 181 -2.68 -13.17 -6.05
N TYR B 182 -2.01 -12.11 -6.46
CA TYR B 182 -2.33 -11.50 -7.75
C TYR B 182 -1.91 -12.37 -8.93
N VAL B 183 -0.81 -13.10 -8.78
CA VAL B 183 -0.31 -13.95 -9.86
C VAL B 183 -1.23 -15.17 -10.02
N TYR B 184 -1.59 -15.80 -8.91
CA TYR B 184 -2.46 -16.96 -8.98
C TYR B 184 -3.88 -16.57 -9.43
N LYS B 185 -4.33 -15.36 -9.11
CA LYS B 185 -5.63 -14.92 -9.62
C LYS B 185 -5.67 -14.84 -11.14
N LYS B 186 -4.51 -14.66 -11.78
CA LYS B 186 -4.44 -14.64 -13.24
C LYS B 186 -4.26 -16.05 -13.81
N GLY B 187 -4.12 -17.05 -12.95
CA GLY B 187 -3.94 -18.42 -13.42
C GLY B 187 -2.49 -18.76 -13.78
N PHE B 188 -1.56 -17.89 -13.42
CA PHE B 188 -0.15 -18.08 -13.76
C PHE B 188 0.53 -18.91 -12.68
N ASP B 189 1.69 -19.48 -13.00
CA ASP B 189 2.58 -20.02 -11.99
C ASP B 189 3.41 -18.88 -11.36
N TYR B 190 3.95 -19.16 -10.18
CA TYR B 190 4.81 -18.23 -9.45
C TYR B 190 6.07 -18.98 -9.04
N TYR B 191 7.23 -18.43 -9.37
CA TYR B 191 8.48 -19.02 -8.94
C TYR B 191 9.44 -17.90 -8.49
N ARG B 192 9.94 -18.01 -7.28
CA ARG B 192 10.81 -16.98 -6.69
C ARG B 192 12.28 -17.40 -6.77
N ILE B 193 13.09 -16.50 -7.32
CA ILE B 193 14.55 -16.65 -7.40
C ILE B 193 15.06 -15.54 -6.50
N PHE B 194 15.75 -15.90 -5.42
CA PHE B 194 16.01 -14.95 -4.34
C PHE B 194 17.32 -14.19 -4.59
N ILE B 195 17.26 -13.14 -5.41
CA ILE B 195 18.46 -12.36 -5.72
C ILE B 195 18.51 -11.09 -4.90
N SER B 196 19.65 -10.85 -4.25
CA SER B 196 19.83 -9.59 -3.52
C SER B 196 19.86 -8.43 -4.50
N ASP B 197 19.24 -7.33 -4.11
CA ASP B 197 19.18 -6.15 -4.98
C ASP B 197 20.62 -5.69 -5.33
N HIS B 198 20.82 -5.30 -6.58
CA HIS B 198 22.09 -4.77 -7.07
C HIS B 198 23.18 -5.81 -7.25
N ARG B 199 22.85 -7.09 -7.10
CA ARG B 199 23.87 -8.14 -7.09
C ARG B 199 23.59 -9.23 -8.09
N ALA B 200 24.64 -10.00 -8.38
CA ALA B 200 24.51 -11.27 -9.09
C ALA B 200 23.74 -12.29 -8.25
N PRO B 201 23.06 -13.25 -8.91
CA PRO B 201 22.47 -14.37 -8.17
C PRO B 201 23.55 -15.25 -7.55
N LEU B 202 23.25 -15.80 -6.38
CA LEU B 202 24.09 -16.82 -5.76
C LEU B 202 23.98 -18.15 -6.54
N ASP B 203 24.93 -19.04 -6.33
CA ASP B 203 24.97 -20.30 -7.07
C ASP B 203 23.66 -21.11 -6.96
N SER B 204 23.06 -21.14 -5.78
CA SER B 204 21.81 -21.89 -5.61
C SER B 204 20.71 -21.35 -6.49
N GLU B 205 20.70 -20.03 -6.65
CA GLU B 205 19.65 -19.38 -7.40
C GLU B 205 19.83 -19.55 -8.91
N VAL B 206 21.08 -19.56 -9.36
CA VAL B 206 21.36 -19.86 -10.75
C VAL B 206 20.91 -21.30 -11.04
N ASP B 207 21.30 -22.22 -10.17
CA ASP B 207 20.88 -23.63 -10.31
C ASP B 207 19.34 -23.72 -10.39
N ALA B 208 18.65 -23.00 -9.51
CA ALA B 208 17.19 -23.08 -9.47
C ALA B 208 16.58 -22.57 -10.76
N LEU B 209 17.10 -21.46 -11.29
CA LEU B 209 16.57 -20.92 -12.53
C LEU B 209 16.77 -21.90 -13.70
N VAL B 210 17.98 -22.43 -13.83
CA VAL B 210 18.26 -23.34 -14.92
C VAL B 210 17.38 -24.58 -14.84
N ALA B 211 17.19 -25.11 -13.62
CA ALA B 211 16.34 -26.27 -13.42
C ALA B 211 14.88 -25.97 -13.77
N LEU B 212 14.40 -24.77 -13.40
CA LEU B 212 13.03 -24.39 -13.73
C LEU B 212 12.83 -24.37 -15.24
N ILE B 213 13.78 -23.77 -15.96
CA ILE B 213 13.68 -23.67 -17.41
C ILE B 213 13.64 -25.09 -18.03
N LYS B 214 14.48 -25.98 -17.53
CA LYS B 214 14.53 -27.34 -18.01
C LYS B 214 13.25 -28.12 -17.71
N ASN B 215 12.56 -27.76 -16.63
CA ASN B 215 11.37 -28.48 -16.18
C ASN B 215 10.10 -28.08 -16.92
N ASN B 216 10.20 -27.10 -17.82
CA ASN B 216 9.04 -26.58 -18.55
C ASN B 216 9.30 -26.54 -20.04
N PRO B 217 8.24 -26.59 -20.85
CA PRO B 217 8.41 -26.61 -22.31
C PRO B 217 9.15 -25.37 -22.84
N GLU B 218 9.78 -25.51 -24.01
CA GLU B 218 10.45 -24.37 -24.64
C GLU B 218 9.51 -23.23 -24.94
N ASP B 219 8.24 -23.54 -25.21
CA ASP B 219 7.31 -22.47 -25.56
C ASP B 219 6.66 -21.75 -24.37
N THR B 220 7.14 -22.06 -23.16
CA THR B 220 6.66 -21.41 -21.93
C THR B 220 7.02 -19.93 -21.94
N TRP B 221 6.09 -19.10 -21.45
CA TRP B 221 6.30 -17.67 -21.32
C TRP B 221 6.68 -17.37 -19.88
N TYR B 222 7.73 -16.57 -19.69
CA TYR B 222 8.13 -16.11 -18.36
C TYR B 222 7.96 -14.62 -18.26
N HIS B 223 7.23 -14.18 -17.23
CA HIS B 223 7.19 -12.76 -16.90
C HIS B 223 8.15 -12.53 -15.73
N VAL B 224 9.25 -11.83 -16.03
CA VAL B 224 10.34 -11.66 -15.09
C VAL B 224 10.25 -10.28 -14.48
N HIS B 225 10.34 -10.20 -13.15
CA HIS B 225 10.38 -8.88 -12.54
C HIS B 225 11.20 -8.83 -11.26
N CYS B 226 11.56 -7.61 -10.90
CA CYS B 226 12.25 -7.35 -9.65
C CYS B 226 11.54 -6.19 -8.98
N ARG B 227 12.25 -5.33 -8.25
CA ARG B 227 11.61 -4.19 -7.59
C ARG B 227 11.48 -3.04 -8.57
N GLY B 228 12.61 -2.59 -9.11
CA GLY B 228 12.66 -1.45 -9.99
C GLY B 228 12.61 -1.79 -11.46
N GLY B 229 12.69 -3.06 -11.80
CA GLY B 229 12.66 -3.50 -13.18
C GLY B 229 13.92 -3.23 -13.97
N LYS B 230 15.03 -3.03 -13.27
CA LYS B 230 16.29 -2.68 -13.88
C LYS B 230 17.28 -3.83 -13.81
N GLY B 231 18.17 -3.83 -12.82
CA GLY B 231 19.30 -4.73 -12.88
C GLY B 231 19.00 -6.21 -12.85
N ARG B 232 18.18 -6.65 -11.92
CA ARG B 232 17.93 -8.08 -11.79
C ARG B 232 17.16 -8.65 -12.99
N THR B 233 16.10 -7.97 -13.41
CA THR B 233 15.34 -8.44 -14.57
C THR B 233 16.22 -8.49 -15.80
N THR B 234 17.06 -7.49 -16.03
CA THR B 234 17.86 -7.47 -17.23
C THR B 234 18.93 -8.58 -17.15
N THR B 235 19.46 -8.83 -15.96
CA THR B 235 20.40 -9.92 -15.76
C THR B 235 19.75 -11.23 -16.20
N VAL B 236 18.52 -11.47 -15.75
CA VAL B 236 17.88 -12.73 -16.09
C VAL B 236 17.47 -12.81 -17.57
N PHE B 237 17.07 -11.71 -18.21
CA PHE B 237 16.87 -11.69 -19.67
C PHE B 237 18.16 -12.17 -20.35
N ALA B 238 19.31 -11.64 -19.91
CA ALA B 238 20.59 -11.98 -20.54
C ALA B 238 20.92 -13.44 -20.29
N MET B 239 20.60 -13.95 -19.09
CA MET B 239 20.86 -15.36 -18.79
C MET B 239 20.04 -16.30 -19.69
N PHE B 240 18.76 -16.01 -19.90
CA PHE B 240 17.95 -16.79 -20.83
C PHE B 240 18.57 -16.76 -22.23
N ASP B 241 18.96 -15.57 -22.69
CA ASP B 241 19.54 -15.38 -24.01
C ASP B 241 20.77 -16.27 -24.14
N MET B 242 21.66 -16.21 -23.17
CA MET B 242 22.86 -17.04 -23.20
C MET B 242 22.52 -18.53 -23.20
N LEU B 243 21.58 -18.96 -22.36
CA LEU B 243 21.21 -20.36 -22.31
C LEU B 243 20.76 -20.91 -23.65
N LYS B 244 20.08 -20.10 -24.45
CA LYS B 244 19.61 -20.53 -25.77
C LYS B 244 20.63 -20.31 -26.88
N ASN B 245 21.48 -19.29 -26.77
CA ASN B 245 22.19 -18.72 -27.92
C ASN B 245 23.70 -18.55 -27.78
N ALA B 246 24.29 -18.90 -26.64
CA ALA B 246 25.71 -18.57 -26.41
C ALA B 246 26.69 -19.24 -27.37
N ASP B 247 26.30 -20.36 -27.98
CA ASP B 247 27.15 -21.00 -28.97
C ASP B 247 27.09 -20.38 -30.36
N LYS B 248 26.19 -19.42 -30.58
CA LYS B 248 26.01 -18.79 -31.90
C LYS B 248 26.11 -17.26 -31.90
N VAL B 249 25.98 -16.64 -30.73
CA VAL B 249 25.95 -15.18 -30.62
C VAL B 249 27.00 -14.77 -29.59
N SER B 250 27.76 -13.73 -29.88
CA SER B 250 28.81 -13.30 -28.98
C SER B 250 28.25 -12.70 -27.68
N PHE B 251 29.07 -12.74 -26.64
CA PHE B 251 28.74 -12.10 -25.37
C PHE B 251 28.38 -10.64 -25.57
N GLU B 252 29.18 -9.94 -26.35
CA GLU B 252 28.98 -8.52 -26.55
C GLU B 252 27.63 -8.25 -27.21
N GLU B 253 27.25 -9.04 -28.20
CA GLU B 253 25.98 -8.85 -28.89
C GLU B 253 24.79 -9.19 -28.00
N ILE B 254 24.91 -10.23 -27.18
CA ILE B 254 23.85 -10.53 -26.22
C ILE B 254 23.64 -9.37 -25.24
N ILE B 255 24.70 -8.89 -24.60
CA ILE B 255 24.53 -7.77 -23.67
C ILE B 255 24.00 -6.53 -24.37
N ALA B 256 24.54 -6.22 -25.56
CA ALA B 256 24.09 -5.02 -26.28
C ALA B 256 22.63 -5.13 -26.70
N ARG B 257 22.23 -6.29 -27.19
CA ARG B 257 20.85 -6.40 -27.64
C ARG B 257 19.87 -6.38 -26.47
N GLN B 258 20.28 -6.90 -25.32
CA GLN B 258 19.42 -6.80 -24.15
C GLN B 258 19.30 -5.35 -23.67
N ALA B 259 20.27 -4.49 -24.02
CA ALA B 259 20.18 -3.06 -23.71
C ALA B 259 19.37 -2.26 -24.73
N SER B 260 18.87 -2.90 -25.78
CA SER B 260 18.25 -2.18 -26.89
C SER B 260 16.76 -1.90 -26.74
N ILE B 261 16.12 -2.56 -25.78
CA ILE B 261 14.70 -2.35 -25.51
C ILE B 261 14.56 -1.65 -24.15
N PRO B 262 13.43 -0.94 -23.94
CA PRO B 262 13.23 -0.29 -22.65
C PRO B 262 13.40 -1.27 -21.51
N PRO B 263 14.06 -0.87 -20.40
CA PRO B 263 14.47 0.49 -20.05
C PRO B 263 15.92 0.81 -20.43
N PHE B 264 16.45 0.07 -21.40
CA PHE B 264 17.75 0.35 -22.01
C PHE B 264 18.85 0.17 -20.97
N TYR B 265 18.82 -0.99 -20.32
CA TYR B 265 19.75 -1.26 -19.24
C TYR B 265 20.95 -2.02 -19.78
N ASN B 266 22.13 -1.41 -19.67
CA ASN B 266 23.37 -1.99 -20.17
C ASN B 266 24.16 -2.62 -19.03
N LEU B 267 24.22 -3.94 -19.03
CA LEU B 267 24.90 -4.68 -17.98
C LEU B 267 26.41 -4.48 -17.96
N MET B 268 26.97 -3.91 -19.03
CA MET B 268 28.39 -3.57 -19.03
C MET B 268 28.75 -2.44 -18.09
N VAL B 269 27.76 -1.61 -17.76
CA VAL B 269 28.03 -0.42 -16.97
C VAL B 269 28.20 -0.80 -15.51
N THR B 270 29.33 -0.40 -14.93
CA THR B 270 29.59 -0.74 -13.54
C THR B 270 29.62 0.48 -12.62
N ASN B 271 29.54 1.68 -13.20
CA ASN B 271 29.40 2.92 -12.43
C ASN B 271 28.03 3.52 -12.65
N ARG B 272 27.17 3.41 -11.65
CA ARG B 272 25.79 3.86 -11.76
C ARG B 272 25.52 4.94 -10.71
N GLU B 273 24.28 5.08 -10.24
CA GLU B 273 23.92 6.23 -9.40
C GLU B 273 24.69 6.24 -8.08
N ILE B 274 24.77 5.08 -7.44
CA ILE B 274 25.30 4.97 -6.09
C ILE B 274 26.71 4.38 -6.16
N PRO B 275 27.74 5.19 -5.83
CA PRO B 275 29.11 4.71 -6.03
C PRO B 275 29.46 3.45 -5.25
N GLU B 276 28.93 3.35 -4.03
CA GLU B 276 29.24 2.23 -3.14
C GLU B 276 28.74 0.90 -3.71
N LEU B 277 27.90 0.94 -4.74
CA LEU B 277 27.41 -0.32 -5.31
C LEU B 277 28.25 -0.80 -6.47
N THR B 278 29.24 0.00 -6.86
CA THR B 278 30.10 -0.38 -7.98
C THR B 278 30.72 -1.79 -7.85
N PRO B 279 31.22 -2.15 -6.66
CA PRO B 279 31.80 -3.51 -6.59
C PRO B 279 30.80 -4.61 -6.91
N TYR B 280 29.54 -4.39 -6.60
CA TYR B 280 28.52 -5.41 -6.87
C TYR B 280 28.17 -5.44 -8.35
N TYR B 281 28.18 -4.28 -9.00
CA TYR B 281 27.94 -4.24 -10.43
C TYR B 281 29.12 -4.86 -11.17
N GLU B 282 30.34 -4.64 -10.67
CA GLU B 282 31.53 -5.26 -11.25
C GLU B 282 31.45 -6.79 -11.10
N GLN B 283 31.07 -7.25 -9.91
CA GLN B 283 30.94 -8.68 -9.66
C GLN B 283 29.87 -9.30 -10.53
N ARG B 284 28.79 -8.55 -10.79
CA ARG B 284 27.69 -9.05 -11.60
C ARG B 284 28.17 -9.23 -13.04
N LEU B 285 28.97 -8.30 -13.54
CA LEU B 285 29.50 -8.44 -14.91
C LEU B 285 30.42 -9.65 -14.99
N GLN B 286 31.25 -9.86 -13.98
CA GLN B 286 32.11 -11.05 -14.00
C GLN B 286 31.28 -12.33 -13.93
N PHE B 287 30.19 -12.30 -13.15
CA PHE B 287 29.27 -13.44 -13.14
C PHE B 287 28.71 -13.72 -14.54
N LEU B 288 28.28 -12.69 -15.24
CA LEU B 288 27.72 -12.87 -16.58
C LEU B 288 28.74 -13.44 -17.56
N ILE B 289 29.99 -13.01 -17.44
CA ILE B 289 31.07 -13.54 -18.29
C ILE B 289 31.23 -15.05 -18.04
N HIS B 290 31.23 -15.46 -16.78
CA HIS B 290 31.32 -16.89 -16.47
C HIS B 290 30.08 -17.65 -16.91
N PHE B 291 28.91 -17.04 -16.71
CA PHE B 291 27.66 -17.69 -17.08
C PHE B 291 27.59 -17.92 -18.59
N TYR B 292 28.09 -16.95 -19.35
CA TYR B 292 28.13 -17.08 -20.80
C TYR B 292 28.91 -18.33 -21.20
N GLU B 293 30.06 -18.53 -20.56
CA GLU B 293 30.88 -19.69 -20.88
C GLU B 293 30.23 -21.01 -20.44
N PHE B 294 29.57 -21.00 -19.28
CA PHE B 294 28.79 -22.15 -18.85
C PHE B 294 27.69 -22.48 -19.84
N ALA B 295 26.98 -21.47 -20.31
CA ALA B 295 25.88 -21.68 -21.22
C ALA B 295 26.40 -22.21 -22.56
N ARG B 296 27.54 -21.69 -23.00
CA ARG B 296 28.14 -22.14 -24.24
C ARG B 296 28.58 -23.61 -24.09
N GLN B 297 29.27 -23.93 -22.99
CA GLN B 297 29.69 -25.32 -22.77
C GLN B 297 28.51 -26.25 -22.61
N SER B 298 27.43 -25.76 -22.03
CA SER B 298 26.20 -26.56 -21.90
C SER B 298 25.60 -26.88 -23.27
N LEU B 299 25.58 -25.91 -24.17
CA LEU B 299 25.06 -26.12 -25.52
C LEU B 299 25.95 -27.09 -26.31
N MET B 300 27.21 -27.22 -25.89
CA MET B 300 28.15 -28.14 -26.53
C MET B 300 28.27 -29.49 -25.81
N GLY B 301 27.47 -29.69 -24.76
CA GLY B 301 27.31 -31.00 -24.16
C GLY B 301 27.61 -31.16 -22.67
N TYR B 302 27.99 -30.09 -21.98
CA TYR B 302 28.18 -30.20 -20.54
C TYR B 302 26.81 -30.44 -19.94
N SER B 303 26.68 -31.47 -19.09
CA SER B 303 25.35 -31.86 -18.57
C SER B 303 25.11 -31.64 -17.07
N GLY B 304 26.08 -31.10 -16.35
CA GLY B 304 25.92 -30.85 -14.92
C GLY B 304 25.27 -29.50 -14.65
N THR B 305 25.27 -29.10 -13.38
CA THR B 305 24.68 -27.84 -12.99
C THR B 305 25.73 -26.73 -12.95
N TRP B 306 25.24 -25.50 -12.83
CA TRP B 306 26.12 -24.36 -12.62
C TRP B 306 27.03 -24.51 -11.40
N SER B 307 26.46 -24.95 -10.27
CA SER B 307 27.28 -25.11 -9.06
C SER B 307 28.39 -26.12 -9.28
N GLU B 308 28.12 -27.16 -10.06
CA GLU B 308 29.11 -28.20 -10.33
C GLU B 308 30.15 -27.81 -11.36
N TRP B 309 29.82 -26.87 -12.22
CA TRP B 309 30.60 -26.60 -13.42
C TRP B 309 32.02 -26.16 -13.12
N ILE C 22 7.66 15.33 15.17
CA ILE C 22 6.22 15.09 15.10
C ILE C 22 5.76 14.30 16.31
N VAL C 23 6.60 13.40 16.80
CA VAL C 23 6.30 12.65 18.03
C VAL C 23 6.34 13.60 19.21
N CYS C 24 5.31 13.57 20.05
CA CYS C 24 5.21 14.46 21.19
CA CYS C 24 5.19 14.44 21.20
C CYS C 24 6.24 14.09 22.27
N ASP C 25 6.48 15.03 23.18
CA ASP C 25 7.41 14.79 24.31
C ASP C 25 6.96 15.48 25.59
N SER C 26 5.68 15.87 25.61
CA SER C 26 5.03 16.49 26.76
C SER C 26 5.52 17.90 27.08
N THR C 27 6.18 18.56 26.14
CA THR C 27 6.54 19.96 26.32
C THR C 27 5.52 20.83 25.60
N ILE C 28 5.52 22.13 25.87
CA ILE C 28 4.59 23.01 25.16
C ILE C 28 4.93 23.10 23.68
N GLU C 29 6.19 22.82 23.35
CA GLU C 29 6.61 22.80 21.95
C GLU C 29 6.04 21.60 21.22
N ASN C 30 6.04 20.45 21.89
CA ASN C 30 5.53 19.22 21.30
C ASN C 30 4.57 18.51 22.25
N PRO C 31 3.39 19.08 22.44
CA PRO C 31 2.42 18.49 23.37
C PRO C 31 1.79 17.21 22.83
N CYS C 32 1.24 16.42 23.76
CA CYS C 32 0.68 15.12 23.40
CA CYS C 32 0.68 15.11 23.43
C CYS C 32 -0.83 15.18 23.27
N ILE C 33 -1.36 14.44 22.30
CA ILE C 33 -2.79 14.21 22.24
C ILE C 33 -3.07 13.03 23.17
N VAL C 34 -3.90 13.26 24.18
CA VAL C 34 -4.22 12.20 25.14
C VAL C 34 -5.72 11.99 25.14
N GLN C 35 -6.12 10.73 24.97
CA GLN C 35 -7.54 10.37 24.99
C GLN C 35 -7.97 10.06 26.40
N ASP C 36 -9.01 10.76 26.87
CA ASP C 36 -9.46 10.65 28.24
C ASP C 36 -10.51 9.57 28.43
N SER C 37 -11.45 9.46 27.51
CA SER C 37 -12.47 8.42 27.62
C SER C 37 -12.06 7.21 26.82
N LYS C 38 -12.36 6.02 27.35
CA LYS C 38 -11.94 4.80 26.67
C LYS C 38 -12.57 4.71 25.29
N THR C 39 -13.86 5.02 25.20
CA THR C 39 -14.57 5.07 23.93
C THR C 39 -15.55 6.24 23.92
N GLN C 40 -16.31 6.37 22.83
CA GLN C 40 -17.32 7.42 22.74
C GLN C 40 -18.54 7.08 23.60
N PHE C 41 -18.53 5.88 24.17
CA PHE C 41 -19.65 5.39 24.96
C PHE C 41 -19.29 5.19 26.44
N SER C 42 -18.10 5.60 26.87
CA SER C 42 -17.64 5.33 28.22
CA SER C 42 -17.66 5.30 28.21
C SER C 42 -18.51 6.03 29.26
N PRO C 43 -18.75 5.37 30.39
CA PRO C 43 -19.64 5.93 31.42
C PRO C 43 -19.01 7.06 32.24
N VAL C 44 -19.85 7.84 32.90
CA VAL C 44 -19.39 8.87 33.82
C VAL C 44 -19.13 8.21 35.17
N ILE C 45 -17.91 8.34 35.68
CA ILE C 45 -17.49 7.60 36.89
C ILE C 45 -17.18 8.48 38.10
N ARG C 46 -17.25 9.81 37.95
CA ARG C 46 -17.17 10.73 39.09
C ARG C 46 -18.35 11.72 39.10
N TYR C 47 -19.54 11.25 38.73
CA TYR C 47 -20.74 12.07 38.80
C TYR C 47 -21.21 12.17 40.25
N ARG C 48 -21.57 13.38 40.67
CA ARG C 48 -22.23 13.54 41.96
C ARG C 48 -23.06 14.81 41.98
N GLU C 49 -23.98 14.88 42.96
CA GLU C 49 -24.83 16.04 43.16
C GLU C 49 -24.62 16.57 44.58
N VAL C 50 -24.33 17.85 44.70
CA VAL C 50 -24.00 18.46 45.99
C VAL C 50 -25.10 18.27 47.04
N ALA C 51 -26.36 18.32 46.62
CA ALA C 51 -27.48 18.22 47.58
C ALA C 51 -27.45 16.89 48.31
N SER C 52 -26.85 15.86 47.72
CA SER C 52 -26.75 14.54 48.33
CA SER C 52 -26.75 14.54 48.33
CA SER C 52 -26.80 14.56 48.36
C SER C 52 -25.95 14.58 49.63
N ILE C 53 -25.15 15.63 49.80
CA ILE C 53 -24.37 15.77 51.02
C ILE C 53 -25.29 15.73 52.25
N ALA C 54 -26.47 16.33 52.11
CA ALA C 54 -27.42 16.40 53.23
C ALA C 54 -27.89 15.03 53.70
N ASP C 55 -27.82 14.04 52.81
CA ASP C 55 -28.28 12.69 53.11
C ASP C 55 -27.16 11.77 53.58
N VAL C 56 -25.93 12.28 53.55
CA VAL C 56 -24.74 11.46 53.76
C VAL C 56 -23.84 11.95 54.88
N TYR C 57 -23.59 13.25 54.93
CA TYR C 57 -22.61 13.82 55.85
C TYR C 57 -23.07 13.88 57.30
N GLY C 58 -22.20 13.47 58.21
CA GLY C 58 -22.53 13.34 59.62
C GLY C 58 -22.31 14.59 60.45
N GLY C 59 -21.85 15.65 59.81
CA GLY C 59 -21.67 16.93 60.46
C GLY C 59 -22.75 17.92 60.06
N ASN C 60 -22.40 19.19 60.02
CA ASN C 60 -23.35 20.26 59.72
C ASN C 60 -23.72 20.29 58.24
N ILE C 61 -25.00 20.05 57.95
CA ILE C 61 -25.52 20.04 56.58
C ILE C 61 -26.38 21.25 56.28
N THR C 62 -26.36 22.24 57.16
CA THR C 62 -27.15 23.46 56.97
C THR C 62 -26.88 24.08 55.61
N GLY C 63 -27.95 24.31 54.85
CA GLY C 63 -27.87 25.09 53.63
C GLY C 63 -27.42 24.31 52.40
N ILE C 64 -27.43 22.99 52.50
CA ILE C 64 -27.01 22.10 51.42
C ILE C 64 -28.13 21.58 50.53
N ASN C 65 -29.27 21.27 51.14
CA ASN C 65 -30.26 20.44 50.44
C ASN C 65 -31.00 21.09 49.27
N LYS C 66 -30.85 22.40 49.09
CA LYS C 66 -31.54 23.09 48.01
C LYS C 66 -30.64 23.45 46.82
N PHE C 67 -29.39 23.00 46.85
CA PHE C 67 -28.51 23.22 45.70
C PHE C 67 -29.03 22.48 44.47
N HIS C 68 -28.86 23.10 43.30
CA HIS C 68 -29.11 22.46 42.01
C HIS C 68 -27.76 22.40 41.31
N LEU C 69 -26.94 21.46 41.72
CA LEU C 69 -25.52 21.47 41.39
C LEU C 69 -25.04 20.03 41.25
N SER C 70 -24.50 19.71 40.07
CA SER C 70 -23.90 18.41 39.84
C SER C 70 -22.51 18.62 39.28
N GLY C 71 -21.72 17.57 39.32
CA GLY C 71 -20.37 17.61 38.79
C GLY C 71 -19.92 16.28 38.25
N SER C 72 -18.85 16.32 37.45
CA SER C 72 -18.24 15.11 36.91
C SER C 72 -16.87 15.39 36.33
N GLU C 73 -16.25 14.32 35.87
CA GLU C 73 -15.07 14.42 35.03
C GLU C 73 -15.51 14.77 33.61
N GLN C 74 -14.56 14.89 32.70
CA GLN C 74 -14.91 15.19 31.32
C GLN C 74 -15.73 14.05 30.74
N PRO C 75 -16.95 14.34 30.25
CA PRO C 75 -17.73 13.22 29.72
C PRO C 75 -17.31 12.80 28.32
N SER C 76 -17.57 11.54 28.02
CA SER C 76 -17.56 11.07 26.63
C SER C 76 -18.81 11.59 25.94
N GLU C 77 -18.96 11.32 24.64
CA GLU C 77 -20.16 11.76 23.92
C GLU C 77 -21.39 11.20 24.60
N LYS C 78 -21.38 9.90 24.89
CA LYS C 78 -22.49 9.28 25.56
C LYS C 78 -22.66 9.81 26.98
N GLY C 79 -21.58 10.15 27.66
CA GLY C 79 -21.69 10.63 29.02
C GLY C 79 -22.56 11.86 29.13
N TRP C 80 -22.56 12.72 28.12
CA TRP C 80 -23.41 13.90 28.13
C TRP C 80 -24.89 13.53 28.16
N GLU C 81 -25.23 12.42 27.50
CA GLU C 81 -26.60 11.93 27.54
C GLU C 81 -26.95 11.48 28.94
N ALA C 82 -26.03 10.76 29.58
CA ALA C 82 -26.27 10.22 30.91
C ALA C 82 -26.41 11.35 31.93
N ILE C 83 -25.62 12.41 31.77
CA ILE C 83 -25.73 13.58 32.64
CA ILE C 83 -25.73 13.58 32.64
C ILE C 83 -27.07 14.26 32.42
N ALA C 84 -27.46 14.43 31.17
CA ALA C 84 -28.73 15.06 30.84
C ALA C 84 -29.90 14.32 31.49
N GLU C 85 -29.86 12.98 31.46
CA GLU C 85 -30.94 12.22 32.07
C GLU C 85 -30.90 12.21 33.60
N SER C 86 -29.72 12.30 34.19
CA SER C 86 -29.62 12.41 35.65
C SER C 86 -30.22 13.74 36.07
N ILE C 87 -29.85 14.82 35.40
CA ILE C 87 -30.39 16.14 35.71
C ILE C 87 -31.91 16.15 35.48
N SER C 88 -32.36 15.54 34.39
CA SER C 88 -33.79 15.47 34.08
C SER C 88 -34.56 14.74 35.18
N ARG C 89 -33.97 13.66 35.69
CA ARG C 89 -34.65 12.87 36.71
C ARG C 89 -34.87 13.70 37.98
N LYS C 90 -33.81 14.38 38.43
CA LYS C 90 -33.89 15.13 39.66
C LYS C 90 -34.87 16.29 39.58
N MET C 91 -34.94 16.98 38.45
CA MET C 91 -35.94 18.04 38.30
C MET C 91 -37.20 17.54 37.61
N LYS C 96 -35.89 23.56 34.54
CA LYS C 96 -35.27 24.88 34.60
C LYS C 96 -34.02 24.89 33.71
N LYS C 97 -33.42 26.07 33.56
CA LYS C 97 -32.25 26.22 32.70
C LYS C 97 -31.05 25.48 33.28
N VAL C 98 -30.25 24.93 32.39
CA VAL C 98 -29.01 24.25 32.76
C VAL C 98 -27.81 24.97 32.16
N ILE C 99 -26.84 25.29 33.00
CA ILE C 99 -25.58 25.85 32.56
C ILE C 99 -24.46 24.85 32.86
N VAL C 100 -23.73 24.42 31.83
CA VAL C 100 -22.55 23.58 32.00
C VAL C 100 -21.37 24.49 32.23
N LEU C 101 -20.67 24.28 33.35
CA LEU C 101 -19.47 25.04 33.67
C LEU C 101 -18.26 24.19 33.42
N ASP C 102 -17.58 24.47 32.31
CA ASP C 102 -16.32 23.83 31.95
C ASP C 102 -15.20 24.61 32.64
N LEU C 103 -14.53 23.98 33.59
CA LEU C 103 -13.51 24.64 34.41
C LEU C 103 -12.09 24.56 33.81
N ARG C 104 -11.98 24.08 32.58
CA ARG C 104 -10.68 23.70 32.04
C ARG C 104 -9.98 24.77 31.22
N GLN C 105 -8.82 25.23 31.67
CA GLN C 105 -8.04 26.17 30.89
C GLN C 105 -7.40 25.50 29.68
N GLU C 106 -7.02 24.24 29.84
CA GLU C 106 -6.29 23.52 28.81
C GLU C 106 -7.17 23.21 27.61
N SER C 107 -6.53 23.15 26.43
CA SER C 107 -7.24 22.82 25.21
C SER C 107 -7.76 21.39 25.25
N HIS C 108 -9.00 21.23 24.86
CA HIS C 108 -9.63 19.92 24.88
C HIS C 108 -10.78 19.94 23.90
N GLY C 109 -11.24 18.75 23.59
CA GLY C 109 -12.31 18.59 22.64
C GLY C 109 -12.64 17.12 22.47
N TYR C 110 -13.11 16.78 21.28
CA TYR C 110 -13.60 15.44 20.97
C TYR C 110 -13.15 15.00 19.60
N LEU C 111 -12.74 13.74 19.52
CA LEU C 111 -12.35 13.10 18.26
C LEU C 111 -13.19 11.83 18.17
N ASN C 112 -14.11 11.80 17.20
CA ASN C 112 -15.06 10.70 17.06
C ASN C 112 -15.78 10.42 18.37
N GLY C 113 -16.14 11.48 19.09
CA GLY C 113 -16.91 11.34 20.30
C GLY C 113 -16.10 10.97 21.52
N ARG C 114 -14.78 10.76 21.36
CA ARG C 114 -13.89 10.51 22.50
C ARG C 114 -13.33 11.82 23.01
N ALA C 115 -13.39 12.01 24.32
CA ALA C 115 -12.77 13.17 24.94
C ALA C 115 -11.26 13.12 24.78
N ILE C 116 -10.67 14.20 24.26
CA ILE C 116 -9.22 14.32 24.12
C ILE C 116 -8.74 15.61 24.74
N THR C 117 -7.47 15.60 25.15
CA THR C 117 -6.81 16.76 25.74
C THR C 117 -5.46 16.96 25.05
N LEU C 118 -5.04 18.21 24.89
CA LEU C 118 -3.71 18.53 24.42
C LEU C 118 -2.86 18.75 25.66
N VAL C 119 -1.91 17.85 25.90
CA VAL C 119 -1.23 17.75 27.19
C VAL C 119 0.27 18.07 27.13
N SER C 120 0.67 19.07 27.91
CA SER C 120 2.07 19.29 28.24
C SER C 120 2.22 19.07 29.75
N ALA C 121 3.46 19.05 30.23
CA ALA C 121 3.76 18.67 31.61
C ALA C 121 2.78 19.26 32.65
N TYR C 122 2.21 18.37 33.45
CA TYR C 122 1.19 18.68 34.46
C TYR C 122 -0.11 19.27 33.90
N ASN C 123 -0.33 19.06 32.61
CA ASN C 123 -1.56 19.45 31.93
C ASN C 123 -1.73 20.98 31.92
N TRP C 124 -0.66 21.68 31.55
CA TRP C 124 -0.63 23.14 31.60
C TRP C 124 -0.37 23.77 30.24
N ILE C 125 -0.96 23.22 29.18
CA ILE C 125 -0.65 23.70 27.84
C ILE C 125 -0.97 25.18 27.65
N ASN C 126 -2.01 25.67 28.34
CA ASN C 126 -2.43 27.05 28.22
C ASN C 126 -2.13 27.93 29.42
N LEU C 127 -1.27 27.44 30.31
CA LEU C 127 -0.86 28.22 31.47
C LEU C 127 -0.29 29.55 31.01
N GLY C 128 -0.71 30.62 31.71
CA GLY C 128 -0.15 31.95 31.49
C GLY C 128 -0.79 32.68 30.33
N LYS C 129 -1.68 32.01 29.60
CA LYS C 129 -2.32 32.61 28.44
C LYS C 129 -3.56 33.37 28.84
N SER C 130 -3.87 34.41 28.08
CA SER C 130 -5.17 35.07 28.23
C SER C 130 -6.23 34.04 27.81
N ASN C 131 -7.45 34.21 28.30
CA ASN C 131 -8.53 33.31 27.93
C ASN C 131 -8.76 33.33 26.44
N SER C 132 -8.60 34.50 25.83
CA SER C 132 -8.70 34.61 24.38
C SER C 132 -7.67 33.72 23.71
N GLN C 133 -6.42 33.81 24.16
CA GLN C 133 -5.36 33.03 23.54
C GLN C 133 -5.56 31.54 23.77
N SER C 134 -6.05 31.16 24.94
CA SER C 134 -6.33 29.75 25.23
C SER C 134 -7.35 29.18 24.25
N THR C 135 -8.40 29.95 23.98
CA THR C 135 -9.46 29.49 23.11
C THR C 135 -8.99 29.52 21.66
N LEU C 136 -8.26 30.57 21.28
CA LEU C 136 -7.66 30.64 19.95
C LEU C 136 -6.84 29.38 19.70
N ASP C 137 -6.02 29.01 20.68
CA ASP C 137 -5.12 27.88 20.51
C ASP C 137 -5.89 26.56 20.49
N GLN C 138 -6.91 26.44 21.33
CA GLN C 138 -7.71 25.23 21.32
C GLN C 138 -8.37 25.04 19.97
N GLU C 139 -9.04 26.10 19.50
CA GLU C 139 -9.79 26.03 18.27
C GLU C 139 -8.89 25.86 17.04
N ASN C 140 -7.69 26.41 17.07
CA ASN C 140 -6.72 26.21 15.99
CA ASN C 140 -6.72 26.20 15.99
C ASN C 140 -6.23 24.76 16.00
N TRP C 141 -6.02 24.20 17.19
CA TRP C 141 -5.61 22.79 17.33
C TRP C 141 -6.68 21.85 16.81
N LEU C 142 -7.92 22.05 17.25
CA LEU C 142 -9.01 21.21 16.78
C LEU C 142 -9.19 21.32 15.25
N ALA C 143 -9.05 22.54 14.71
CA ALA C 143 -9.15 22.74 13.27
C ALA C 143 -8.10 21.91 12.53
N GLY C 144 -6.90 21.83 13.10
CA GLY C 144 -5.82 21.07 12.48
C GLY C 144 -6.15 19.58 12.43
N LEU C 145 -6.68 19.04 13.52
CA LEU C 145 -7.07 17.63 13.55
C LEU C 145 -8.23 17.37 12.59
N ARG C 146 -9.15 18.32 12.53
CA ARG C 146 -10.35 18.20 11.71
C ARG C 146 -9.99 18.07 10.22
N SER C 147 -8.89 18.69 9.84
CA SER C 147 -8.47 18.72 8.44
C SER C 147 -7.70 17.47 8.01
N ARG C 148 -7.39 16.59 8.95
CA ARG C 148 -6.63 15.37 8.63
C ARG C 148 -7.56 14.20 8.31
N LYS C 149 -7.09 13.29 7.46
CA LYS C 149 -7.84 12.07 7.17
C LYS C 149 -7.66 11.08 8.34
N ILE C 150 -6.44 11.01 8.84
CA ILE C 150 -6.09 10.14 9.95
C ILE C 150 -5.23 10.92 10.94
N VAL C 151 -5.60 10.86 12.22
CA VAL C 151 -4.81 11.48 13.27
C VAL C 151 -3.90 10.44 13.88
N ASN C 152 -2.62 10.77 14.03
CA ASN C 152 -1.64 9.86 14.63
C ASN C 152 -1.29 10.25 16.05
N GLY C 153 -0.79 9.28 16.81
CA GLY C 153 -0.17 9.56 18.10
C GLY C 153 -1.13 9.85 19.23
N VAL C 154 -2.32 9.27 19.18
CA VAL C 154 -3.28 9.41 20.26
C VAL C 154 -2.94 8.46 21.41
N LEU C 155 -2.48 9.03 22.52
CA LEU C 155 -2.08 8.24 23.69
C LEU C 155 -3.22 8.07 24.66
N THR C 156 -3.22 6.97 25.39
CA THR C 156 -4.11 6.83 26.53
C THR C 156 -3.43 7.48 27.71
N VAL C 157 -4.16 7.69 28.80
CA VAL C 157 -3.57 8.31 29.98
C VAL C 157 -2.43 7.45 30.53
N PRO C 158 -2.65 6.13 30.70
CA PRO C 158 -1.56 5.25 31.12
C PRO C 158 -0.29 5.37 30.26
N GLN C 159 -0.46 5.48 28.94
CA GLN C 159 0.69 5.62 28.05
C GLN C 159 1.39 6.94 28.29
N TYR C 160 0.62 8.01 28.49
CA TYR C 160 1.21 9.31 28.75
C TYR C 160 2.02 9.30 30.05
N VAL C 161 1.45 8.74 31.12
CA VAL C 161 2.14 8.71 32.39
C VAL C 161 3.42 7.90 32.30
N ALA C 162 3.40 6.85 31.47
CA ALA C 162 4.57 5.99 31.28
C ALA C 162 5.55 6.61 30.29
N LYS C 163 5.19 7.78 29.76
CA LYS C 163 6.03 8.48 28.78
C LYS C 163 6.30 7.63 27.55
N GLN C 164 5.28 6.87 27.14
CA GLN C 164 5.38 6.01 25.96
C GLN C 164 4.91 6.80 24.75
N TYR C 165 5.58 7.91 24.48
CA TYR C 165 5.09 8.90 23.54
C TYR C 165 4.96 8.36 22.12
N SER C 166 5.73 7.33 21.80
CA SER C 166 5.75 6.81 20.44
C SER C 166 4.73 5.68 20.22
N GLN C 167 4.03 5.28 21.29
CA GLN C 167 3.13 4.13 21.24
C GLN C 167 1.67 4.50 21.00
N GLY C 168 1.43 5.72 20.53
CA GLY C 168 0.05 6.17 20.30
C GLY C 168 -0.60 5.53 19.10
N LYS C 169 -1.91 5.36 19.17
CA LYS C 169 -2.69 4.81 18.08
C LYS C 169 -3.08 5.89 17.08
N SER C 170 -3.50 5.45 15.90
CA SER C 170 -4.06 6.33 14.90
C SER C 170 -5.58 6.18 14.86
N MET C 171 -6.26 7.22 14.41
CA MET C 171 -7.72 7.21 14.31
C MET C 171 -8.15 7.87 13.00
N VAL C 172 -9.07 7.22 12.28
CA VAL C 172 -9.71 7.83 11.11
C VAL C 172 -10.67 8.93 11.57
N VAL C 173 -10.48 10.15 11.05
CA VAL C 173 -11.31 11.28 11.48
C VAL C 173 -12.69 11.23 10.86
N SER C 174 -13.71 11.20 11.72
N SER C 174 -13.71 11.19 11.72
CA SER C 174 -15.10 11.35 11.31
CA SER C 174 -15.10 11.35 11.31
C SER C 174 -15.59 12.72 11.75
C SER C 174 -15.57 12.73 11.75
N THR C 175 -15.41 13.02 13.04
CA THR C 175 -15.74 14.32 13.58
C THR C 175 -14.66 14.81 14.52
N VAL C 176 -14.43 16.12 14.52
CA VAL C 176 -13.66 16.79 15.55
C VAL C 176 -14.50 17.98 16.05
N LYS C 177 -14.89 17.93 17.33
CA LYS C 177 -15.82 18.91 17.88
C LYS C 177 -15.28 19.44 19.18
N ASN C 178 -15.65 20.68 19.52
CA ASN C 178 -15.44 21.16 20.88
C ASN C 178 -16.62 20.77 21.76
N GLU C 179 -16.44 20.95 23.06
CA GLU C 179 -17.50 20.66 24.01
C GLU C 179 -18.77 21.46 23.69
N GLU C 180 -18.64 22.74 23.31
CA GLU C 180 -19.81 23.57 23.02
C GLU C 180 -20.76 22.89 22.06
N TYR C 181 -20.20 22.20 21.07
CA TYR C 181 -21.02 21.49 20.12
C TYR C 181 -21.99 20.55 20.83
N TYR C 182 -21.45 19.73 21.74
CA TYR C 182 -22.30 18.73 22.42
C TYR C 182 -23.23 19.33 23.48
N VAL C 183 -22.76 20.37 24.16
CA VAL C 183 -23.54 20.96 25.24
C VAL C 183 -24.75 21.71 24.67
N TYR C 184 -24.52 22.47 23.60
CA TYR C 184 -25.62 23.19 22.96
C TYR C 184 -26.62 22.24 22.32
N LYS C 185 -26.14 21.06 21.92
CA LYS C 185 -27.01 20.04 21.36
C LYS C 185 -28.01 19.52 22.39
N LYS C 186 -27.62 19.55 23.65
CA LYS C 186 -28.48 19.09 24.74
C LYS C 186 -29.44 20.18 25.22
N GLY C 187 -29.33 21.38 24.61
CA GLY C 187 -30.18 22.50 25.01
C GLY C 187 -29.72 23.15 26.30
N PHE C 188 -28.45 22.94 26.64
CA PHE C 188 -27.82 23.57 27.80
C PHE C 188 -27.03 24.78 27.35
N ASP C 189 -26.78 25.70 28.28
CA ASP C 189 -25.82 26.76 28.03
C ASP C 189 -24.44 26.23 28.41
N TYR C 190 -23.41 26.90 27.89
CA TYR C 190 -22.06 26.53 28.19
C TYR C 190 -21.36 27.78 28.65
N TYR C 191 -20.58 27.65 29.72
CA TYR C 191 -19.80 28.76 30.19
C TYR C 191 -18.45 28.22 30.66
N ARG C 192 -17.38 28.82 30.16
CA ARG C 192 -16.04 28.34 30.47
C ARG C 192 -15.37 29.22 31.50
N ILE C 193 -14.85 28.57 32.53
CA ILE C 193 -14.05 29.20 33.55
C ILE C 193 -12.66 28.60 33.38
N PHE C 194 -11.67 29.43 33.06
CA PHE C 194 -10.36 28.92 32.64
C PHE C 194 -9.42 28.69 33.83
N ILE C 195 -9.52 27.53 34.48
CA ILE C 195 -8.69 27.23 35.63
C ILE C 195 -7.58 26.25 35.22
N SER C 196 -6.34 26.56 35.56
CA SER C 196 -5.22 25.68 35.30
C SER C 196 -5.35 24.44 36.17
N ASP C 197 -5.03 23.28 35.62
CA ASP C 197 -5.15 22.04 36.35
C ASP C 197 -4.31 22.10 37.63
N HIS C 198 -4.86 21.56 38.72
CA HIS C 198 -4.16 21.43 39.99
C HIS C 198 -4.01 22.76 40.74
N ARG C 199 -4.60 23.83 40.21
CA ARG C 199 -4.40 25.17 40.76
C ARG C 199 -5.68 25.88 41.14
N ALA C 200 -5.54 26.94 41.93
CA ALA C 200 -6.63 27.86 42.20
C ALA C 200 -7.00 28.67 40.97
N PRO C 201 -8.26 29.13 40.89
CA PRO C 201 -8.65 30.04 39.81
C PRO C 201 -8.01 31.41 39.97
N LEU C 202 -7.71 32.07 38.85
CA LEU C 202 -7.17 33.42 38.88
C LEU C 202 -8.30 34.41 39.16
N ASP C 203 -7.94 35.65 39.44
CA ASP C 203 -8.93 36.64 39.89
C ASP C 203 -10.06 36.85 38.88
N SER C 204 -9.75 36.85 37.59
CA SER C 204 -10.78 37.07 36.57
C SER C 204 -11.79 35.95 36.56
N GLU C 205 -11.32 34.73 36.86
CA GLU C 205 -12.18 33.56 36.78
C GLU C 205 -13.04 33.46 38.03
N VAL C 206 -12.51 33.89 39.17
CA VAL C 206 -13.33 33.99 40.37
C VAL C 206 -14.46 35.01 40.16
N ASP C 207 -14.14 36.20 39.63
CA ASP C 207 -15.17 37.18 39.30
C ASP C 207 -16.25 36.57 38.40
N ALA C 208 -15.83 35.81 37.39
CA ALA C 208 -16.77 35.24 36.43
C ALA C 208 -17.73 34.26 37.09
N LEU C 209 -17.20 33.43 37.99
CA LEU C 209 -18.04 32.43 38.64
C LEU C 209 -19.03 33.11 39.57
N VAL C 210 -18.54 34.10 40.34
CA VAL C 210 -19.40 34.81 41.28
C VAL C 210 -20.51 35.51 40.52
N ALA C 211 -20.15 36.17 39.42
CA ALA C 211 -21.12 36.89 38.61
C ALA C 211 -22.13 35.94 37.99
N LEU C 212 -21.66 34.77 37.57
CA LEU C 212 -22.54 33.82 36.90
C LEU C 212 -23.66 33.39 37.85
N ILE C 213 -23.31 33.18 39.10
CA ILE C 213 -24.29 32.75 40.08
C ILE C 213 -25.25 33.90 40.36
N LYS C 214 -24.72 35.11 40.49
CA LYS C 214 -25.52 36.30 40.78
C LYS C 214 -26.45 36.66 39.62
N ASN C 215 -26.00 36.41 38.39
CA ASN C 215 -26.68 36.88 37.19
C ASN C 215 -27.69 35.91 36.59
N ASN C 216 -27.90 34.78 37.25
CA ASN C 216 -28.90 33.81 36.82
C ASN C 216 -29.84 33.48 37.95
N PRO C 217 -31.03 32.95 37.62
CA PRO C 217 -32.00 32.62 38.68
C PRO C 217 -31.48 31.61 39.70
N GLU C 218 -32.03 31.65 40.90
CA GLU C 218 -31.60 30.78 42.00
C GLU C 218 -31.80 29.30 41.70
N ASP C 219 -32.81 28.98 40.89
CA ASP C 219 -33.12 27.59 40.59
C ASP C 219 -32.39 27.08 39.35
N THR C 220 -31.45 27.88 38.82
CA THR C 220 -30.62 27.45 37.71
C THR C 220 -29.83 26.23 38.13
N TRP C 221 -29.82 25.21 37.28
CA TRP C 221 -29.00 24.03 37.52
C TRP C 221 -27.63 24.22 36.88
N TYR C 222 -26.57 23.96 37.64
CA TYR C 222 -25.21 24.01 37.10
C TYR C 222 -24.61 22.63 37.12
N HIS C 223 -24.08 22.20 35.97
CA HIS C 223 -23.25 21.00 35.93
C HIS C 223 -21.80 21.41 35.72
N VAL C 224 -20.99 21.16 36.74
CA VAL C 224 -19.61 21.61 36.80
C VAL C 224 -18.69 20.45 36.46
N HIS C 225 -17.70 20.65 35.59
CA HIS C 225 -16.75 19.58 35.36
C HIS C 225 -15.38 20.13 35.01
N CYS C 226 -14.40 19.26 35.21
CA CYS C 226 -13.03 19.55 34.84
C CYS C 226 -12.52 18.39 33.98
N ARG C 227 -11.25 18.02 34.05
CA ARG C 227 -10.74 16.92 33.25
C ARG C 227 -10.99 15.61 34.00
N GLY C 228 -10.46 15.52 35.21
CA GLY C 228 -10.55 14.32 36.01
C GLY C 228 -11.71 14.28 36.99
N GLY C 229 -12.43 15.39 37.13
CA GLY C 229 -13.55 15.47 38.06
C GLY C 229 -13.13 15.52 39.51
N LYS C 230 -11.88 15.94 39.76
CA LYS C 230 -11.36 15.96 41.12
C LYS C 230 -11.17 17.39 41.64
N GLY C 231 -9.96 17.93 41.56
CA GLY C 231 -9.67 19.16 42.28
C GLY C 231 -10.44 20.40 41.85
N ARG C 232 -10.57 20.64 40.56
CA ARG C 232 -11.20 21.88 40.13
C ARG C 232 -12.70 21.88 40.43
N THR C 233 -13.37 20.79 40.07
CA THR C 233 -14.81 20.70 40.34
C THR C 233 -15.12 20.84 41.84
N THR C 234 -14.33 20.19 42.68
CA THR C 234 -14.58 20.24 44.11
C THR C 234 -14.29 21.64 44.66
N THR C 235 -13.25 22.29 44.12
CA THR C 235 -12.97 23.67 44.51
C THR C 235 -14.19 24.55 44.25
N VAL C 236 -14.77 24.42 43.07
CA VAL C 236 -15.89 25.25 42.69
C VAL C 236 -17.17 24.92 43.47
N PHE C 237 -17.39 23.64 43.76
CA PHE C 237 -18.47 23.26 44.68
C PHE C 237 -18.31 23.97 46.03
N ALA C 238 -17.08 23.97 46.56
CA ALA C 238 -16.81 24.61 47.84
C ALA C 238 -17.09 26.09 47.72
N MET C 239 -16.75 26.70 46.59
CA MET C 239 -17.01 28.12 46.40
C MET C 239 -18.51 28.42 46.37
N PHE C 240 -19.29 27.59 45.66
CA PHE C 240 -20.75 27.72 45.64
C PHE C 240 -21.31 27.64 47.06
N ASP C 241 -20.81 26.66 47.80
CA ASP C 241 -21.25 26.43 49.18
C ASP C 241 -20.96 27.68 50.00
N MET C 242 -19.73 28.20 49.89
CA MET C 242 -19.34 29.38 50.64
C MET C 242 -20.20 30.59 50.27
N LEU C 243 -20.47 30.76 48.99
CA LEU C 243 -21.25 31.92 48.58
C LEU C 243 -22.64 31.93 49.18
N LYS C 244 -23.18 30.75 49.47
CA LYS C 244 -24.51 30.66 50.09
C LYS C 244 -24.46 30.60 51.61
N ASN C 245 -23.42 30.00 52.18
CA ASN C 245 -23.45 29.55 53.57
C ASN C 245 -22.31 30.00 54.49
N ALA C 246 -21.39 30.81 53.96
CA ALA C 246 -20.16 31.13 54.71
C ALA C 246 -20.41 31.90 55.99
N ASP C 247 -21.55 32.59 56.08
CA ASP C 247 -21.91 33.34 57.27
C ASP C 247 -22.51 32.48 58.38
N LYS C 248 -22.90 31.25 58.05
CA LYS C 248 -23.57 30.37 59.02
C LYS C 248 -22.82 29.07 59.26
N VAL C 249 -21.89 28.72 58.37
CA VAL C 249 -21.19 27.45 58.45
C VAL C 249 -19.69 27.70 58.45
N SER C 250 -18.94 27.01 59.32
CA SER C 250 -17.49 27.19 59.39
C SER C 250 -16.78 26.76 58.11
N PHE C 251 -15.60 27.30 57.88
CA PHE C 251 -14.75 26.87 56.79
C PHE C 251 -14.49 25.36 56.88
N GLU C 252 -14.17 24.90 58.09
CA GLU C 252 -13.87 23.49 58.32
C GLU C 252 -15.02 22.59 57.91
N GLU C 253 -16.24 22.96 58.30
CA GLU C 253 -17.40 22.16 57.97
C GLU C 253 -17.73 22.19 56.48
N ILE C 254 -17.56 23.32 55.82
CA ILE C 254 -17.78 23.38 54.36
C ILE C 254 -16.83 22.47 53.63
N ILE C 255 -15.54 22.55 53.92
CA ILE C 255 -14.58 21.69 53.24
C ILE C 255 -14.85 20.21 53.54
N ALA C 256 -15.14 19.89 54.80
CA ALA C 256 -15.37 18.49 55.17
C ALA C 256 -16.62 17.93 54.49
N ARG C 257 -17.67 18.73 54.41
CA ARG C 257 -18.90 18.20 53.85
C ARG C 257 -18.77 18.04 52.35
N GLN C 258 -17.99 18.91 51.70
CA GLN C 258 -17.75 18.74 50.27
C GLN C 258 -16.98 17.45 50.00
N ALA C 259 -16.20 16.98 50.97
CA ALA C 259 -15.45 15.74 50.82
C ALA C 259 -16.29 14.48 51.13
N SER C 260 -17.55 14.66 51.51
CA SER C 260 -18.35 13.54 51.99
C SER C 260 -19.05 12.70 50.91
N ILE C 261 -19.14 13.23 49.69
CA ILE C 261 -19.75 12.52 48.58
C ILE C 261 -18.67 12.12 47.55
N PRO C 262 -18.94 11.07 46.76
CA PRO C 262 -17.91 10.64 45.82
C PRO C 262 -17.55 11.79 44.88
N PRO C 263 -16.27 11.91 44.50
CA PRO C 263 -15.15 11.01 44.74
C PRO C 263 -14.38 11.31 46.03
N PHE C 264 -15.02 11.96 46.99
CA PHE C 264 -14.46 12.12 48.34
C PHE C 264 -13.18 12.94 48.30
N TYR C 265 -13.28 14.09 47.65
CA TYR C 265 -12.12 14.96 47.46
C TYR C 265 -12.03 15.95 48.60
N ASN C 266 -10.98 15.82 49.39
CA ASN C 266 -10.77 16.65 50.57
C ASN C 266 -9.76 17.74 50.26
N LEU C 267 -10.24 18.97 50.15
CA LEU C 267 -9.38 20.09 49.77
C LEU C 267 -8.34 20.44 50.83
N MET C 268 -8.47 19.91 52.05
CA MET C 268 -7.45 20.11 53.07
C MET C 268 -6.18 19.34 52.74
N VAL C 269 -6.29 18.25 52.00
CA VAL C 269 -5.12 17.40 51.74
C VAL C 269 -4.24 18.05 50.68
N THR C 270 -2.98 18.29 51.03
CA THR C 270 -2.06 18.97 50.11
C THR C 270 -0.89 18.08 49.70
N ASN C 271 -0.80 16.89 50.29
CA ASN C 271 0.13 15.86 49.84
C ASN C 271 -0.66 14.75 49.16
N ARG C 272 -0.70 14.82 47.83
CA ARG C 272 -1.50 13.90 47.03
C ARG C 272 -0.63 12.95 46.22
N GLU C 273 -1.18 12.39 45.15
CA GLU C 273 -0.56 11.24 44.51
C GLU C 273 0.69 11.65 43.73
N ILE C 274 0.77 12.93 43.37
CA ILE C 274 1.91 13.46 42.66
C ILE C 274 2.61 14.49 43.57
N PRO C 275 3.81 14.14 44.11
CA PRO C 275 4.44 15.02 45.10
C PRO C 275 4.75 16.44 44.61
N GLU C 276 5.17 16.57 43.35
CA GLU C 276 5.61 17.86 42.81
C GLU C 276 4.48 18.87 42.74
N LEU C 277 3.25 18.40 42.85
CA LEU C 277 2.09 19.29 42.76
C LEU C 277 1.69 19.85 44.13
N THR C 278 2.35 19.41 45.19
CA THR C 278 2.04 19.89 46.54
C THR C 278 1.96 21.42 46.69
N PRO C 279 2.89 22.17 46.08
CA PRO C 279 2.84 23.64 46.26
C PRO C 279 1.55 24.24 45.72
N TYR C 280 1.05 23.68 44.63
CA TYR C 280 -0.17 24.19 44.03
C TYR C 280 -1.39 23.85 44.89
N TYR C 281 -1.46 22.64 45.42
CA TYR C 281 -2.54 22.28 46.35
C TYR C 281 -2.48 23.18 47.58
N GLU C 282 -1.29 23.52 48.02
CA GLU C 282 -1.14 24.38 49.19
C GLU C 282 -1.66 25.77 48.89
N GLN C 283 -1.34 26.30 47.72
CA GLN C 283 -1.80 27.63 47.36
C GLN C 283 -3.31 27.65 47.11
N ARG C 284 -3.85 26.54 46.64
CA ARG C 284 -5.28 26.45 46.38
C ARG C 284 -6.02 26.55 47.71
N LEU C 285 -5.47 25.90 48.73
CA LEU C 285 -6.09 25.91 50.05
C LEU C 285 -6.05 27.33 50.63
N GLN C 286 -4.94 28.01 50.45
CA GLN C 286 -4.85 29.40 50.88
C GLN C 286 -5.91 30.26 50.17
N PHE C 287 -6.12 30.03 48.87
CA PHE C 287 -7.13 30.77 48.14
C PHE C 287 -8.52 30.53 48.72
N LEU C 288 -8.80 29.28 49.03
CA LEU C 288 -10.11 28.95 49.56
C LEU C 288 -10.40 29.64 50.89
N ILE C 289 -9.37 29.78 51.72
CA ILE C 289 -9.52 30.47 52.99
C ILE C 289 -9.84 31.94 52.72
N HIS C 290 -9.15 32.53 51.76
CA HIS C 290 -9.42 33.93 51.44
C HIS C 290 -10.82 34.10 50.85
N PHE C 291 -11.21 33.19 49.97
CA PHE C 291 -12.53 33.27 49.36
C PHE C 291 -13.63 33.09 50.39
N TYR C 292 -13.38 32.23 51.38
CA TYR C 292 -14.33 32.07 52.48
C TYR C 292 -14.65 33.41 53.14
N GLU C 293 -13.64 34.20 53.46
CA GLU C 293 -13.88 35.46 54.14
C GLU C 293 -14.59 36.43 53.19
N PHE C 294 -14.22 36.44 51.92
CA PHE C 294 -14.93 37.25 50.92
C PHE C 294 -16.40 36.88 50.85
N ALA C 295 -16.69 35.58 50.78
CA ALA C 295 -18.05 35.09 50.70
C ALA C 295 -18.83 35.46 51.95
N ARG C 296 -18.20 35.23 53.10
CA ARG C 296 -18.83 35.57 54.37
C ARG C 296 -19.23 37.04 54.38
N GLN C 297 -18.33 37.91 53.97
CA GLN C 297 -18.61 39.34 53.99
C GLN C 297 -19.68 39.72 52.95
N SER C 298 -19.71 39.02 51.83
CA SER C 298 -20.72 39.31 50.80
C SER C 298 -22.12 38.98 51.29
N LEU C 299 -22.22 38.03 52.21
CA LEU C 299 -23.50 37.67 52.78
C LEU C 299 -23.89 38.67 53.85
N MET C 300 -22.91 39.40 54.35
CA MET C 300 -23.13 40.35 55.43
C MET C 300 -23.32 41.78 54.94
N GLY C 301 -23.26 42.00 53.64
CA GLY C 301 -23.56 43.30 53.07
C GLY C 301 -22.61 43.84 52.00
N TYR C 302 -21.42 43.28 51.87
CA TYR C 302 -20.48 43.72 50.84
C TYR C 302 -21.07 43.41 49.47
N SER C 303 -21.00 44.38 48.58
CA SER C 303 -21.62 44.26 47.25
C SER C 303 -20.61 44.50 46.13
N GLY C 304 -19.33 44.51 46.47
CA GLY C 304 -18.27 44.66 45.48
C GLY C 304 -17.82 43.32 44.94
N THR C 305 -16.78 43.32 44.13
CA THR C 305 -16.29 42.09 43.51
C THR C 305 -15.09 41.52 44.24
N TRP C 306 -14.81 40.25 43.99
CA TRP C 306 -13.61 39.61 44.49
C TRP C 306 -12.35 40.39 44.09
N SER C 307 -12.30 40.84 42.84
CA SER C 307 -11.13 41.55 42.36
C SER C 307 -10.88 42.82 43.17
N GLU C 308 -11.97 43.47 43.57
CA GLU C 308 -11.92 44.72 44.32
C GLU C 308 -11.75 44.51 45.83
N TRP C 309 -12.00 43.29 46.28
CA TRP C 309 -12.11 43.03 47.72
C TRP C 309 -10.76 42.72 48.37
N ILE D 22 13.27 -42.62 1.12
CA ILE D 22 12.75 -43.44 2.20
C ILE D 22 11.24 -43.61 2.06
N VAL D 23 10.78 -44.85 2.16
CA VAL D 23 9.35 -45.15 2.16
C VAL D 23 8.71 -44.48 3.38
N CYS D 24 7.54 -43.85 3.21
CA CYS D 24 6.85 -43.20 4.32
CA CYS D 24 6.86 -43.19 4.32
C CYS D 24 6.48 -44.19 5.42
N ASP D 25 6.22 -43.65 6.62
CA ASP D 25 5.79 -44.48 7.76
C ASP D 25 4.79 -43.75 8.66
N SER D 26 4.21 -42.66 8.14
CA SER D 26 3.17 -41.89 8.84
C SER D 26 3.68 -41.08 10.03
N THR D 27 4.99 -40.87 10.13
CA THR D 27 5.55 -40.00 11.16
C THR D 27 5.80 -38.61 10.58
N ILE D 28 6.03 -37.60 11.43
CA ILE D 28 6.35 -36.27 10.91
C ILE D 28 7.71 -36.28 10.18
N GLU D 29 8.57 -37.25 10.51
CA GLU D 29 9.86 -37.38 9.84
C GLU D 29 9.70 -37.97 8.44
N ASN D 30 8.77 -38.91 8.30
CA ASN D 30 8.51 -39.56 7.03
C ASN D 30 7.03 -39.65 6.73
N PRO D 31 6.42 -38.50 6.42
CA PRO D 31 4.98 -38.46 6.16
C PRO D 31 4.60 -39.05 4.80
N CYS D 32 3.33 -39.43 4.68
CA CYS D 32 2.82 -40.09 3.48
CA CYS D 32 2.83 -40.09 3.49
C CYS D 32 2.07 -39.13 2.57
N ILE D 33 2.21 -39.35 1.26
CA ILE D 33 1.38 -38.67 0.29
C ILE D 33 0.18 -39.55 0.10
N VAL D 34 -0.99 -39.00 0.44
CA VAL D 34 -2.24 -39.72 0.32
C VAL D 34 -3.18 -39.02 -0.65
N GLN D 35 -3.65 -39.77 -1.64
CA GLN D 35 -4.60 -39.27 -2.62
C GLN D 35 -6.02 -39.40 -2.10
N ASP D 36 -6.70 -38.26 -2.00
CA ASP D 36 -8.06 -38.19 -1.48
C ASP D 36 -9.10 -38.42 -2.59
N SER D 37 -8.86 -37.86 -3.76
CA SER D 37 -9.77 -37.98 -4.90
C SER D 37 -9.42 -39.23 -5.67
N LYS D 38 -10.41 -40.05 -6.07
CA LYS D 38 -10.09 -41.24 -6.86
C LYS D 38 -9.49 -40.82 -8.19
N THR D 39 -10.08 -39.81 -8.82
CA THR D 39 -9.55 -39.24 -10.04
C THR D 39 -9.81 -37.74 -10.01
N GLN D 40 -9.39 -37.05 -11.06
CA GLN D 40 -9.62 -35.62 -11.16
C GLN D 40 -11.08 -35.29 -11.47
N PHE D 41 -11.87 -36.33 -11.74
CA PHE D 41 -13.28 -36.19 -12.10
C PHE D 41 -14.23 -36.62 -10.97
N SER D 42 -13.69 -37.00 -9.81
CA SER D 42 -14.53 -37.55 -8.74
CA SER D 42 -14.53 -37.57 -8.76
C SER D 42 -15.57 -36.55 -8.27
N PRO D 43 -16.80 -37.03 -8.03
CA PRO D 43 -17.86 -36.12 -7.60
C PRO D 43 -17.75 -35.71 -6.14
N VAL D 44 -18.47 -34.66 -5.78
CA VAL D 44 -18.54 -34.22 -4.40
C VAL D 44 -19.58 -35.07 -3.66
N ILE D 45 -19.16 -35.69 -2.55
CA ILE D 45 -20.00 -36.66 -1.84
C ILE D 45 -20.56 -36.17 -0.50
N ARG D 46 -20.10 -35.03 0.00
CA ARG D 46 -20.67 -34.45 1.22
C ARG D 46 -21.00 -32.97 1.03
N TYR D 47 -21.51 -32.63 -0.14
CA TYR D 47 -22.00 -31.28 -0.38
C TYR D 47 -23.31 -31.05 0.38
N ARG D 48 -23.41 -29.89 1.03
CA ARG D 48 -24.70 -29.48 1.60
C ARG D 48 -24.77 -27.97 1.77
N GLU D 49 -26.00 -27.47 1.89
CA GLU D 49 -26.28 -26.06 2.09
C GLU D 49 -27.06 -25.91 3.39
N VAL D 50 -26.58 -25.05 4.27
CA VAL D 50 -27.19 -24.89 5.59
C VAL D 50 -28.68 -24.49 5.50
N ALA D 51 -29.06 -23.70 4.49
CA ALA D 51 -30.46 -23.28 4.36
C ALA D 51 -31.43 -24.47 4.20
N SER D 52 -30.93 -25.60 3.74
CA SER D 52 -31.75 -26.80 3.54
CA SER D 52 -31.74 -26.80 3.54
CA SER D 52 -31.77 -26.78 3.54
C SER D 52 -32.27 -27.33 4.87
N ILE D 53 -31.63 -26.95 5.96
CA ILE D 53 -32.10 -27.37 7.29
C ILE D 53 -33.58 -27.02 7.48
N ALA D 54 -34.02 -25.92 6.88
CA ALA D 54 -35.40 -25.47 7.05
C ALA D 54 -36.40 -26.42 6.38
N ASP D 55 -35.92 -27.19 5.41
CA ASP D 55 -36.77 -28.10 4.65
C ASP D 55 -36.87 -29.46 5.35
N VAL D 56 -36.00 -29.69 6.33
CA VAL D 56 -35.83 -31.02 6.91
C VAL D 56 -36.08 -31.08 8.42
N TYR D 57 -35.51 -30.13 9.14
CA TYR D 57 -35.55 -30.12 10.60
C TYR D 57 -36.93 -29.66 11.11
N GLY D 58 -37.48 -30.39 12.07
CA GLY D 58 -38.82 -30.13 12.59
C GLY D 58 -38.87 -29.26 13.83
N GLY D 59 -37.70 -28.87 14.32
CA GLY D 59 -37.59 -28.03 15.50
C GLY D 59 -37.51 -26.55 15.17
N ASN D 60 -36.80 -25.80 16.02
CA ASN D 60 -36.67 -24.36 15.87
C ASN D 60 -35.78 -24.08 14.66
N ILE D 61 -36.36 -23.45 13.63
CA ILE D 61 -35.61 -23.09 12.42
C ILE D 61 -35.41 -21.58 12.30
N THR D 62 -35.64 -20.86 13.39
CA THR D 62 -35.44 -19.41 13.42
C THR D 62 -34.04 -19.08 12.91
N GLY D 63 -34.00 -18.22 11.89
CA GLY D 63 -32.75 -17.67 11.40
C GLY D 63 -31.93 -18.59 10.50
N ILE D 64 -32.51 -19.69 10.04
CA ILE D 64 -31.78 -20.62 9.17
C ILE D 64 -31.83 -20.15 7.74
N ASN D 65 -32.99 -19.65 7.32
CA ASN D 65 -33.21 -19.29 5.93
C ASN D 65 -32.34 -18.10 5.48
N LYS D 66 -31.79 -17.37 6.45
CA LYS D 66 -30.91 -16.25 6.15
C LYS D 66 -29.55 -16.68 5.64
N PHE D 67 -29.10 -17.87 6.03
CA PHE D 67 -27.72 -18.28 5.71
C PHE D 67 -27.41 -18.44 4.26
N HIS D 68 -26.17 -18.07 3.96
CA HIS D 68 -25.57 -18.28 2.67
C HIS D 68 -24.31 -19.13 2.93
N LEU D 69 -24.51 -20.41 3.21
CA LEU D 69 -23.44 -21.28 3.70
C LEU D 69 -23.54 -22.64 2.99
N SER D 70 -22.45 -23.07 2.34
CA SER D 70 -22.40 -24.42 1.80
C SER D 70 -21.14 -25.08 2.35
N GLY D 71 -21.06 -26.40 2.22
CA GLY D 71 -19.92 -27.12 2.73
C GLY D 71 -19.65 -28.39 1.99
N SER D 72 -18.43 -28.90 2.11
CA SER D 72 -18.08 -30.16 1.47
C SER D 72 -16.80 -30.74 2.04
N GLU D 73 -16.46 -31.94 1.57
CA GLU D 73 -15.10 -32.47 1.73
C GLU D 73 -14.16 -31.78 0.73
N GLN D 74 -12.88 -32.14 0.76
CA GLN D 74 -11.96 -31.60 -0.22
C GLN D 74 -12.35 -32.04 -1.64
N PRO D 75 -12.61 -31.07 -2.54
CA PRO D 75 -13.07 -31.45 -3.88
C PRO D 75 -11.94 -31.90 -4.80
N SER D 76 -12.28 -32.73 -5.78
CA SER D 76 -11.39 -32.95 -6.92
C SER D 76 -11.42 -31.71 -7.78
N GLU D 77 -10.62 -31.68 -8.82
CA GLU D 77 -10.70 -30.59 -9.79
C GLU D 77 -12.13 -30.40 -10.32
N LYS D 78 -12.74 -31.49 -10.78
CA LYS D 78 -14.10 -31.40 -11.31
C LYS D 78 -15.10 -31.01 -10.22
N GLY D 79 -14.85 -31.46 -9.00
CA GLY D 79 -15.73 -31.15 -7.89
C GLY D 79 -15.86 -29.66 -7.65
N TRP D 80 -14.79 -28.90 -7.88
CA TRP D 80 -14.87 -27.45 -7.75
C TRP D 80 -15.86 -26.87 -8.77
N GLU D 81 -15.92 -27.45 -9.96
CA GLU D 81 -16.88 -26.98 -10.95
C GLU D 81 -18.30 -27.29 -10.50
N ALA D 82 -18.49 -28.47 -9.89
CA ALA D 82 -19.81 -28.85 -9.39
C ALA D 82 -20.27 -27.90 -8.28
N ILE D 83 -19.36 -27.58 -7.36
CA ILE D 83 -19.66 -26.64 -6.28
C ILE D 83 -20.00 -25.27 -6.83
N ALA D 84 -19.22 -24.77 -7.79
CA ALA D 84 -19.52 -23.46 -8.37
C ALA D 84 -20.90 -23.46 -9.02
N GLU D 85 -21.25 -24.55 -9.71
CA GLU D 85 -22.55 -24.63 -10.37
C GLU D 85 -23.69 -24.69 -9.34
N SER D 86 -23.50 -25.45 -8.26
CA SER D 86 -24.49 -25.46 -7.19
C SER D 86 -24.73 -24.08 -6.60
N ILE D 87 -23.65 -23.37 -6.28
CA ILE D 87 -23.78 -22.06 -5.66
C ILE D 87 -24.45 -21.09 -6.64
N SER D 88 -24.08 -21.17 -7.92
CA SER D 88 -24.71 -20.35 -8.94
C SER D 88 -26.21 -20.61 -9.05
N ARG D 89 -26.62 -21.88 -9.02
CA ARG D 89 -28.05 -22.21 -9.11
C ARG D 89 -28.80 -21.60 -7.94
N LYS D 90 -28.23 -21.69 -6.75
CA LYS D 90 -28.89 -21.20 -5.55
C LYS D 90 -28.98 -19.68 -5.56
N MET D 91 -27.93 -19.02 -6.06
CA MET D 91 -27.91 -17.56 -6.09
C MET D 91 -28.85 -16.98 -7.15
N GLY D 92 -29.02 -17.68 -8.26
CA GLY D 92 -29.89 -17.22 -9.34
C GLY D 92 -29.49 -15.85 -9.88
N ALA D 93 -30.47 -14.95 -9.94
CA ALA D 93 -30.28 -13.62 -10.53
C ALA D 93 -29.54 -12.64 -9.61
N GLU D 94 -29.24 -13.07 -8.39
CA GLU D 94 -28.56 -12.22 -7.41
C GLU D 94 -27.27 -12.83 -6.92
N THR D 95 -26.19 -12.60 -7.66
CA THR D 95 -24.90 -13.14 -7.29
C THR D 95 -24.31 -12.31 -6.15
N LYS D 96 -23.68 -12.99 -5.19
CA LYS D 96 -22.96 -12.34 -4.10
C LYS D 96 -21.53 -12.87 -4.10
N LYS D 97 -20.65 -12.20 -3.36
CA LYS D 97 -19.27 -12.66 -3.20
C LYS D 97 -19.26 -14.05 -2.58
N VAL D 98 -18.37 -14.90 -3.07
CA VAL D 98 -18.17 -16.22 -2.50
C VAL D 98 -16.77 -16.30 -1.88
N ILE D 99 -16.70 -16.69 -0.62
CA ILE D 99 -15.43 -16.96 0.04
C ILE D 99 -15.35 -18.44 0.38
N VAL D 100 -14.33 -19.09 -0.14
CA VAL D 100 -14.06 -20.47 0.21
C VAL D 100 -13.24 -20.45 1.49
N LEU D 101 -13.78 -21.10 2.53
CA LEU D 101 -13.12 -21.22 3.81
C LEU D 101 -12.48 -22.59 3.95
N ASP D 102 -11.17 -22.63 3.76
CA ASP D 102 -10.39 -23.85 3.92
C ASP D 102 -10.01 -23.99 5.40
N LEU D 103 -10.56 -25.01 6.07
CA LEU D 103 -10.36 -25.17 7.50
C LEU D 103 -9.15 -26.03 7.87
N ARG D 104 -8.31 -26.34 6.89
CA ARG D 104 -7.31 -27.38 7.10
C ARG D 104 -5.94 -26.83 7.51
N GLN D 105 -5.48 -27.23 8.69
CA GLN D 105 -4.13 -26.87 9.11
C GLN D 105 -3.08 -27.65 8.31
N GLU D 106 -3.40 -28.89 7.97
CA GLU D 106 -2.43 -29.77 7.30
C GLU D 106 -2.17 -29.38 5.86
N SER D 107 -0.96 -29.72 5.39
CA SER D 107 -0.56 -29.44 4.02
C SER D 107 -1.36 -30.29 3.03
N HIS D 108 -1.87 -29.64 1.99
CA HIS D 108 -2.65 -30.33 0.99
C HIS D 108 -2.54 -29.58 -0.32
N GLY D 109 -2.93 -30.25 -1.40
CA GLY D 109 -2.94 -29.63 -2.71
C GLY D 109 -3.48 -30.58 -3.75
N TYR D 110 -2.96 -30.45 -4.97
CA TYR D 110 -3.44 -31.20 -6.13
C TYR D 110 -2.29 -31.72 -6.97
N LEU D 111 -2.40 -32.98 -7.37
CA LEU D 111 -1.49 -33.59 -8.32
C LEU D 111 -2.33 -34.12 -9.46
N ASN D 112 -2.12 -33.57 -10.66
CA ASN D 112 -2.90 -33.94 -11.83
C ASN D 112 -4.41 -33.88 -11.58
N GLY D 113 -4.81 -32.85 -10.83
CA GLY D 113 -6.23 -32.59 -10.59
C GLY D 113 -6.83 -33.42 -9.47
N ARG D 114 -6.01 -34.26 -8.85
CA ARG D 114 -6.47 -35.10 -7.73
C ARG D 114 -6.05 -34.48 -6.42
N ALA D 115 -6.97 -34.37 -5.48
CA ALA D 115 -6.64 -33.84 -4.15
C ALA D 115 -5.69 -34.78 -3.44
N ILE D 116 -4.64 -34.22 -2.86
CA ILE D 116 -3.65 -34.96 -2.10
C ILE D 116 -3.37 -34.27 -0.77
N THR D 117 -3.00 -35.07 0.22
CA THR D 117 -2.67 -34.58 1.56
C THR D 117 -1.32 -35.17 1.98
N LEU D 118 -0.54 -34.38 2.72
CA LEU D 118 0.68 -34.85 3.36
C LEU D 118 0.31 -35.31 4.77
N VAL D 119 0.38 -36.62 5.02
CA VAL D 119 -0.23 -37.21 6.20
C VAL D 119 0.77 -37.82 7.17
N SER D 120 0.70 -37.36 8.42
CA SER D 120 1.35 -38.03 9.52
C SER D 120 0.22 -38.50 10.45
N ALA D 121 0.56 -39.27 11.47
CA ALA D 121 -0.45 -39.88 12.35
C ALA D 121 -1.57 -38.90 12.77
N TYR D 122 -2.81 -39.37 12.60
CA TYR D 122 -4.02 -38.62 12.90
C TYR D 122 -4.18 -37.33 12.07
N ASN D 123 -3.43 -37.27 10.97
CA ASN D 123 -3.48 -36.14 10.02
C ASN D 123 -3.08 -34.80 10.67
N TRP D 124 -1.96 -34.84 11.40
CA TRP D 124 -1.48 -33.70 12.19
C TRP D 124 -0.07 -33.21 11.77
N ILE D 125 0.22 -33.23 10.47
CA ILE D 125 1.58 -32.88 10.02
C ILE D 125 2.02 -31.47 10.46
N ASN D 126 1.07 -30.53 10.57
CA ASN D 126 1.42 -29.15 10.88
C ASN D 126 1.02 -28.74 12.30
N LEU D 127 0.68 -29.71 13.14
CA LEU D 127 0.30 -29.43 14.51
C LEU D 127 1.43 -28.67 15.22
N GLY D 128 1.08 -27.62 15.96
CA GLY D 128 2.06 -26.85 16.71
C GLY D 128 2.79 -25.76 15.94
N LYS D 129 2.58 -25.71 14.63
CA LYS D 129 3.25 -24.72 13.79
C LYS D 129 2.45 -23.43 13.69
N SER D 130 3.16 -22.32 13.49
CA SER D 130 2.50 -21.06 13.20
C SER D 130 1.83 -21.20 11.84
N ASN D 131 0.81 -20.39 11.57
CA ASN D 131 0.14 -20.46 10.28
C ASN D 131 1.08 -20.15 9.12
N SER D 132 1.98 -19.19 9.33
CA SER D 132 2.98 -18.86 8.30
C SER D 132 3.84 -20.09 7.99
N GLN D 133 4.22 -20.83 9.03
CA GLN D 133 5.06 -22.02 8.84
C GLN D 133 4.29 -23.15 8.16
N SER D 134 3.03 -23.35 8.54
CA SER D 134 2.19 -24.35 7.89
C SER D 134 2.06 -24.09 6.40
N THR D 135 1.78 -22.84 6.03
CA THR D 135 1.71 -22.47 4.62
C THR D 135 3.04 -22.70 3.91
N LEU D 136 4.14 -22.27 4.52
CA LEU D 136 5.45 -22.41 3.93
C LEU D 136 5.78 -23.89 3.71
N ASP D 137 5.49 -24.70 4.71
CA ASP D 137 5.78 -26.12 4.61
C ASP D 137 4.92 -26.78 3.52
N GLN D 138 3.66 -26.39 3.40
CA GLN D 138 2.84 -26.89 2.31
C GLN D 138 3.41 -26.49 0.95
N GLU D 139 3.74 -25.22 0.80
CA GLU D 139 4.18 -24.76 -0.50
C GLU D 139 5.53 -25.34 -0.88
N ASN D 140 6.40 -25.56 0.10
CA ASN D 140 7.69 -26.20 -0.17
C ASN D 140 7.47 -27.64 -0.62
N TRP D 141 6.52 -28.32 0.02
CA TRP D 141 6.18 -29.70 -0.34
C TRP D 141 5.67 -29.75 -1.78
N LEU D 142 4.70 -28.91 -2.10
CA LEU D 142 4.15 -28.87 -3.45
C LEU D 142 5.21 -28.48 -4.46
N ALA D 143 6.09 -27.53 -4.12
CA ALA D 143 7.16 -27.13 -5.03
C ALA D 143 8.08 -28.31 -5.35
N GLY D 144 8.35 -29.14 -4.34
CA GLY D 144 9.18 -30.31 -4.57
C GLY D 144 8.53 -31.25 -5.56
N LEU D 145 7.25 -31.52 -5.38
CA LEU D 145 6.55 -32.40 -6.32
C LEU D 145 6.54 -31.81 -7.73
N ARG D 146 6.30 -30.50 -7.83
CA ARG D 146 6.21 -29.79 -9.09
C ARG D 146 7.51 -29.83 -9.88
N SER D 147 8.63 -29.91 -9.15
CA SER D 147 9.97 -29.92 -9.75
C SER D 147 10.36 -31.27 -10.36
N ARG D 148 9.58 -32.31 -10.10
CA ARG D 148 9.91 -33.69 -10.47
C ARG D 148 9.13 -34.14 -11.70
N LYS D 149 9.67 -35.11 -12.42
CA LYS D 149 8.97 -35.72 -13.54
CA LYS D 149 8.94 -35.70 -13.53
C LYS D 149 8.02 -36.80 -13.04
N ILE D 150 8.43 -37.46 -11.96
CA ILE D 150 7.69 -38.57 -11.41
C ILE D 150 7.56 -38.42 -9.90
N VAL D 151 6.37 -38.67 -9.37
CA VAL D 151 6.18 -38.73 -7.93
C VAL D 151 5.95 -40.15 -7.52
N ASN D 152 6.70 -40.61 -6.53
CA ASN D 152 6.60 -41.99 -6.05
C ASN D 152 5.79 -42.07 -4.76
N GLY D 153 5.25 -43.26 -4.50
CA GLY D 153 4.67 -43.57 -3.22
C GLY D 153 3.32 -42.94 -2.90
N VAL D 154 2.50 -42.68 -3.92
CA VAL D 154 1.19 -42.10 -3.71
C VAL D 154 0.23 -43.20 -3.25
N LEU D 155 -0.25 -43.06 -2.02
CA LEU D 155 -1.16 -44.04 -1.42
C LEU D 155 -2.61 -43.64 -1.57
N THR D 156 -3.49 -44.62 -1.71
CA THR D 156 -4.91 -44.38 -1.55
C THR D 156 -5.23 -44.36 -0.06
N VAL D 157 -6.40 -43.85 0.29
CA VAL D 157 -6.82 -43.85 1.69
C VAL D 157 -6.87 -45.27 2.28
N PRO D 158 -7.49 -46.24 1.58
CA PRO D 158 -7.47 -47.61 2.13
C PRO D 158 -6.05 -48.16 2.33
N GLN D 159 -5.12 -47.82 1.44
CA GLN D 159 -3.76 -48.29 1.60
C GLN D 159 -3.13 -47.65 2.84
N TYR D 160 -3.37 -46.36 3.02
CA TYR D 160 -2.81 -45.67 4.17
C TYR D 160 -3.39 -46.26 5.47
N VAL D 161 -4.69 -46.48 5.47
CA VAL D 161 -5.35 -47.03 6.64
C VAL D 161 -4.79 -48.42 6.96
N ALA D 162 -4.50 -49.21 5.94
CA ALA D 162 -3.98 -50.57 6.13
C ALA D 162 -2.46 -50.58 6.35
N LYS D 163 -1.86 -49.40 6.40
CA LYS D 163 -0.42 -49.22 6.62
C LYS D 163 0.45 -49.91 5.55
N GLN D 164 -0.06 -49.96 4.33
CA GLN D 164 0.66 -50.53 3.22
C GLN D 164 1.53 -49.46 2.55
N TYR D 165 2.46 -48.93 3.34
CA TYR D 165 3.23 -47.74 2.95
C TYR D 165 4.07 -47.97 1.69
N SER D 166 4.44 -49.21 1.44
CA SER D 166 5.32 -49.53 0.34
C SER D 166 4.59 -49.88 -0.96
N GLN D 167 3.26 -49.85 -0.93
CA GLN D 167 2.44 -50.26 -2.07
C GLN D 167 1.89 -49.09 -2.86
N GLY D 168 2.43 -47.89 -2.63
CA GLY D 168 1.96 -46.72 -3.35
C GLY D 168 2.33 -46.73 -4.82
N LYS D 169 1.56 -46.01 -5.63
CA LYS D 169 1.84 -45.90 -7.06
C LYS D 169 2.74 -44.72 -7.35
N SER D 170 3.38 -44.77 -8.51
CA SER D 170 4.10 -43.64 -9.05
C SER D 170 3.20 -42.94 -10.06
N MET D 171 3.38 -41.64 -10.20
CA MET D 171 2.58 -40.86 -11.14
C MET D 171 3.48 -39.95 -11.94
N VAL D 172 3.18 -39.83 -13.23
CA VAL D 172 3.84 -38.87 -14.10
C VAL D 172 3.24 -37.51 -13.78
N VAL D 173 4.10 -36.56 -13.41
CA VAL D 173 3.64 -35.23 -13.08
C VAL D 173 3.24 -34.44 -14.33
N SER D 174 1.99 -33.99 -14.36
N SER D 174 2.00 -33.97 -14.34
CA SER D 174 1.52 -33.05 -15.36
CA SER D 174 1.52 -33.05 -15.36
C SER D 174 1.32 -31.68 -14.71
C SER D 174 1.28 -31.67 -14.74
N THR D 175 0.56 -31.65 -13.62
CA THR D 175 0.35 -30.41 -12.86
C THR D 175 0.43 -30.67 -11.37
N VAL D 176 0.94 -29.68 -10.66
CA VAL D 176 0.87 -29.64 -9.20
C VAL D 176 0.39 -28.25 -8.83
N LYS D 177 -0.72 -28.20 -8.08
CA LYS D 177 -1.39 -26.94 -7.77
C LYS D 177 -1.80 -26.92 -6.32
N ASN D 178 -1.87 -25.73 -5.75
CA ASN D 178 -2.59 -25.58 -4.48
C ASN D 178 -4.09 -25.32 -4.75
N GLU D 179 -4.88 -25.35 -3.69
CA GLU D 179 -6.30 -25.14 -3.82
C GLU D 179 -6.66 -23.79 -4.40
N GLU D 180 -5.86 -22.77 -4.07
CA GLU D 180 -6.11 -21.41 -4.54
C GLU D 180 -6.21 -21.37 -6.06
N TYR D 181 -5.40 -22.18 -6.74
CA TYR D 181 -5.48 -22.19 -8.19
C TYR D 181 -6.90 -22.43 -8.68
N TYR D 182 -7.53 -23.48 -8.16
CA TYR D 182 -8.86 -23.86 -8.63
C TYR D 182 -9.94 -22.92 -8.11
N VAL D 183 -9.79 -22.44 -6.88
CA VAL D 183 -10.77 -21.54 -6.26
C VAL D 183 -10.77 -20.20 -7.02
N TYR D 184 -9.59 -19.67 -7.32
CA TYR D 184 -9.54 -18.42 -8.06
C TYR D 184 -10.08 -18.58 -9.49
N LYS D 185 -9.91 -19.75 -10.10
CA LYS D 185 -10.45 -19.99 -11.43
C LYS D 185 -11.97 -19.85 -11.47
N LYS D 186 -12.64 -20.08 -10.34
CA LYS D 186 -14.09 -19.96 -10.26
CA LYS D 186 -14.09 -19.96 -10.31
C LYS D 186 -14.53 -18.54 -9.92
N GLY D 187 -13.56 -17.66 -9.69
CA GLY D 187 -13.88 -16.29 -9.33
C GLY D 187 -14.18 -16.10 -7.85
N PHE D 188 -13.82 -17.10 -7.03
CA PHE D 188 -14.04 -17.03 -5.59
C PHE D 188 -12.81 -16.51 -4.84
N ASP D 189 -13.05 -16.03 -3.62
CA ASP D 189 -12.01 -15.68 -2.67
C ASP D 189 -11.63 -16.96 -1.91
N TYR D 190 -10.48 -16.92 -1.26
CA TYR D 190 -9.97 -18.01 -0.44
C TYR D 190 -9.49 -17.46 0.89
N TYR D 191 -9.91 -18.09 1.98
CA TYR D 191 -9.43 -17.72 3.31
C TYR D 191 -9.19 -18.99 4.09
N ARG D 192 -8.01 -19.10 4.70
CA ARG D 192 -7.64 -20.29 5.43
C ARG D 192 -7.71 -20.08 6.94
N ILE D 193 -8.41 -21.01 7.60
CA ILE D 193 -8.50 -21.09 9.06
C ILE D 193 -7.82 -22.39 9.43
N PHE D 194 -6.78 -22.34 10.24
CA PHE D 194 -5.86 -23.48 10.37
C PHE D 194 -6.25 -24.37 11.55
N ILE D 195 -7.21 -25.27 11.31
CA ILE D 195 -7.74 -26.14 12.37
C ILE D 195 -7.12 -27.54 12.24
N SER D 196 -6.62 -28.05 13.36
CA SER D 196 -6.05 -29.39 13.37
C SER D 196 -7.19 -30.38 13.21
N ASP D 197 -6.97 -31.42 12.40
CA ASP D 197 -7.99 -32.43 12.17
C ASP D 197 -8.45 -33.03 13.51
N HIS D 198 -9.76 -33.24 13.63
CA HIS D 198 -10.36 -33.92 14.79
C HIS D 198 -10.40 -33.05 16.04
N ARG D 199 -10.05 -31.76 15.92
CA ARG D 199 -9.94 -30.90 17.09
C ARG D 199 -10.74 -29.62 16.97
N ALA D 200 -10.95 -28.98 18.11
CA ALA D 200 -11.49 -27.64 18.15
C ALA D 200 -10.48 -26.65 17.60
N PRO D 201 -10.97 -25.52 17.05
CA PRO D 201 -10.06 -24.44 16.65
C PRO D 201 -9.36 -23.79 17.85
N LEU D 202 -8.11 -23.39 17.67
CA LEU D 202 -7.39 -22.59 18.67
C LEU D 202 -8.00 -21.20 18.76
N ASP D 203 -7.71 -20.49 19.85
CA ASP D 203 -8.28 -19.15 20.07
C ASP D 203 -7.99 -18.20 18.90
N SER D 204 -6.78 -18.27 18.35
CA SER D 204 -6.43 -17.37 17.27
C SER D 204 -7.32 -17.61 16.07
N GLU D 205 -7.68 -18.86 15.85
CA GLU D 205 -8.49 -19.21 14.68
C GLU D 205 -9.96 -18.90 14.91
N VAL D 206 -10.42 -19.03 16.15
CA VAL D 206 -11.76 -18.59 16.50
C VAL D 206 -11.84 -17.08 16.28
N ASP D 207 -10.87 -16.34 16.81
CA ASP D 207 -10.82 -14.89 16.62
C ASP D 207 -10.84 -14.55 15.12
N ALA D 208 -10.06 -15.30 14.34
CA ALA D 208 -10.00 -15.05 12.89
C ALA D 208 -11.34 -15.27 12.21
N LEU D 209 -12.05 -16.33 12.57
CA LEU D 209 -13.35 -16.59 11.97
C LEU D 209 -14.35 -15.49 12.30
N VAL D 210 -14.44 -15.12 13.57
CA VAL D 210 -15.38 -14.09 14.00
C VAL D 210 -15.08 -12.79 13.27
N ALA D 211 -13.80 -12.45 13.18
CA ALA D 211 -13.39 -11.22 12.50
C ALA D 211 -13.71 -11.26 11.02
N LEU D 212 -13.52 -12.43 10.40
CA LEU D 212 -13.80 -12.57 8.97
C LEU D 212 -15.27 -12.31 8.67
N ILE D 213 -16.14 -12.89 9.48
CA ILE D 213 -17.57 -12.73 9.28
C ILE D 213 -17.95 -11.26 9.45
N LYS D 214 -17.36 -10.61 10.43
CA LYS D 214 -17.66 -9.21 10.69
C LYS D 214 -17.10 -8.28 9.60
N ASN D 215 -16.04 -8.72 8.93
N ASN D 215 -16.04 -8.73 8.93
CA ASN D 215 -15.37 -7.88 7.95
CA ASN D 215 -15.34 -7.92 7.94
C ASN D 215 -15.91 -8.09 6.53
C ASN D 215 -16.05 -7.92 6.58
N ASN D 216 -17.04 -8.78 6.41
CA ASN D 216 -17.72 -8.95 5.14
C ASN D 216 -19.22 -8.76 5.27
N PRO D 217 -19.90 -8.40 4.16
CA PRO D 217 -21.35 -8.20 4.21
C PRO D 217 -22.12 -9.43 4.71
N GLU D 218 -23.28 -9.25 5.34
CA GLU D 218 -24.04 -10.37 5.86
C GLU D 218 -24.47 -11.35 4.75
N ASP D 219 -24.63 -10.86 3.53
CA ASP D 219 -25.08 -11.73 2.44
C ASP D 219 -23.96 -12.44 1.69
N THR D 220 -22.74 -12.36 2.22
CA THR D 220 -21.60 -13.07 1.63
C THR D 220 -21.87 -14.56 1.70
N TRP D 221 -21.53 -15.27 0.63
CA TRP D 221 -21.65 -16.73 0.62
C TRP D 221 -20.32 -17.34 1.04
N TYR D 222 -20.36 -18.27 1.98
CA TYR D 222 -19.17 -19.01 2.38
C TYR D 222 -19.30 -20.46 1.98
N HIS D 223 -18.28 -20.97 1.26
CA HIS D 223 -18.18 -22.40 1.04
C HIS D 223 -17.10 -22.93 1.96
N VAL D 224 -17.53 -23.69 2.94
CA VAL D 224 -16.68 -24.18 4.01
C VAL D 224 -16.27 -25.61 3.72
N HIS D 225 -14.99 -25.94 3.86
CA HIS D 225 -14.60 -27.33 3.70
C HIS D 225 -13.39 -27.70 4.52
N CYS D 226 -13.24 -29.01 4.72
CA CYS D 226 -12.07 -29.54 5.38
C CYS D 226 -11.55 -30.68 4.51
N ARG D 227 -11.04 -31.76 5.11
CA ARG D 227 -10.53 -32.86 4.28
C ARG D 227 -11.67 -33.83 3.97
N GLY D 228 -12.29 -34.35 5.02
CA GLY D 228 -13.36 -35.31 4.89
C GLY D 228 -14.75 -34.72 4.84
N GLY D 229 -14.90 -33.43 5.12
CA GLY D 229 -16.20 -32.81 5.11
C GLY D 229 -17.09 -33.13 6.30
N LYS D 230 -16.48 -33.59 7.38
CA LYS D 230 -17.23 -34.00 8.56
C LYS D 230 -17.01 -33.02 9.72
N GLY D 231 -16.06 -33.31 10.59
CA GLY D 231 -15.96 -32.65 11.89
C GLY D 231 -15.71 -31.15 11.83
N ARG D 232 -14.68 -30.76 11.09
CA ARG D 232 -14.33 -29.34 11.07
C ARG D 232 -15.40 -28.48 10.40
N THR D 233 -15.88 -28.90 9.22
CA THR D 233 -16.92 -28.15 8.50
C THR D 233 -18.20 -28.01 9.36
N THR D 234 -18.62 -29.10 9.98
CA THR D 234 -19.83 -29.03 10.79
C THR D 234 -19.61 -28.15 12.02
N THR D 235 -18.45 -28.24 12.65
CA THR D 235 -18.09 -27.33 13.73
C THR D 235 -18.28 -25.88 13.32
N VAL D 236 -17.77 -25.52 12.14
CA VAL D 236 -17.83 -24.14 11.73
C VAL D 236 -19.25 -23.72 11.35
N PHE D 237 -20.01 -24.59 10.71
CA PHE D 237 -21.45 -24.34 10.50
C PHE D 237 -22.16 -24.01 11.84
N ALA D 238 -21.87 -24.79 12.86
CA ALA D 238 -22.48 -24.57 14.17
C ALA D 238 -22.05 -23.20 14.73
N MET D 239 -20.78 -22.84 14.56
CA MET D 239 -20.30 -21.55 15.01
C MET D 239 -21.01 -20.40 14.31
N PHE D 240 -21.16 -20.47 12.98
CA PHE D 240 -21.92 -19.46 12.23
C PHE D 240 -23.32 -19.35 12.83
N ASP D 241 -23.93 -20.50 13.07
CA ASP D 241 -25.30 -20.56 13.57
C ASP D 241 -25.41 -19.86 14.92
N MET D 242 -24.47 -20.15 15.80
CA MET D 242 -24.46 -19.57 17.14
C MET D 242 -24.25 -18.06 17.08
N LEU D 243 -23.30 -17.63 16.26
CA LEU D 243 -23.01 -16.20 16.13
C LEU D 243 -24.23 -15.38 15.74
N LYS D 244 -25.10 -15.93 14.89
CA LYS D 244 -26.28 -15.19 14.42
C LYS D 244 -27.49 -15.39 15.31
N ASN D 245 -27.59 -16.58 15.91
CA ASN D 245 -28.87 -17.07 16.45
C ASN D 245 -28.85 -17.56 17.89
N ALA D 246 -27.71 -17.50 18.58
CA ALA D 246 -27.63 -18.06 19.93
C ALA D 246 -28.61 -17.45 20.95
N ASP D 247 -29.07 -16.22 20.72
CA ASP D 247 -29.98 -15.56 21.67
C ASP D 247 -31.43 -15.97 21.46
N LYS D 248 -31.71 -16.74 20.42
CA LYS D 248 -33.08 -17.13 20.09
C LYS D 248 -33.25 -18.64 19.85
N VAL D 249 -32.15 -19.39 19.85
CA VAL D 249 -32.20 -20.83 19.64
C VAL D 249 -31.32 -21.51 20.69
N SER D 250 -31.80 -22.59 21.28
CA SER D 250 -31.01 -23.28 22.31
C SER D 250 -29.77 -23.95 21.73
N PHE D 251 -28.84 -24.29 22.62
CA PHE D 251 -27.63 -24.98 22.20
C PHE D 251 -27.98 -26.33 21.59
N GLU D 252 -28.90 -27.03 22.23
CA GLU D 252 -29.30 -28.36 21.80
C GLU D 252 -29.97 -28.32 20.44
N GLU D 253 -30.75 -27.27 20.19
CA GLU D 253 -31.44 -27.09 18.92
C GLU D 253 -30.47 -26.74 17.78
N ILE D 254 -29.51 -25.87 18.06
CA ILE D 254 -28.48 -25.56 17.06
C ILE D 254 -27.73 -26.82 16.68
N ILE D 255 -27.28 -27.60 17.67
CA ILE D 255 -26.51 -28.80 17.34
C ILE D 255 -27.36 -29.83 16.59
N ALA D 256 -28.59 -30.02 17.02
CA ALA D 256 -29.44 -30.99 16.36
C ALA D 256 -29.80 -30.55 14.95
N ARG D 257 -30.03 -29.26 14.74
CA ARG D 257 -30.47 -28.84 13.42
C ARG D 257 -29.29 -28.94 12.44
N GLN D 258 -28.07 -28.73 12.93
CA GLN D 258 -26.89 -28.82 12.08
C GLN D 258 -26.64 -30.30 11.74
N ALA D 259 -27.12 -31.19 12.60
CA ALA D 259 -27.01 -32.62 12.35
C ALA D 259 -28.11 -33.14 11.39
N SER D 260 -29.06 -32.29 11.03
CA SER D 260 -30.25 -32.76 10.31
C SER D 260 -30.08 -32.90 8.81
N ILE D 261 -29.04 -32.28 8.25
CA ILE D 261 -28.77 -32.38 6.82
C ILE D 261 -27.53 -33.25 6.55
N PRO D 262 -27.44 -33.83 5.35
CA PRO D 262 -26.29 -34.69 5.05
C PRO D 262 -24.98 -33.92 5.29
N PRO D 263 -23.95 -34.56 5.84
CA PRO D 263 -23.74 -35.98 6.15
C PRO D 263 -24.23 -36.40 7.55
N PHE D 264 -25.15 -35.63 8.11
CA PHE D 264 -25.78 -35.98 9.40
C PHE D 264 -24.75 -36.09 10.52
N TYR D 265 -23.90 -35.08 10.62
CA TYR D 265 -22.85 -35.08 11.62
C TYR D 265 -23.35 -34.44 12.92
N ASN D 266 -23.36 -35.24 13.97
CA ASN D 266 -23.86 -34.82 15.28
C ASN D 266 -22.69 -34.49 16.21
N LEU D 267 -22.50 -33.21 16.49
CA LEU D 267 -21.36 -32.77 17.30
C LEU D 267 -21.43 -33.22 18.76
N MET D 268 -22.58 -33.71 19.19
CA MET D 268 -22.71 -34.23 20.56
C MET D 268 -22.00 -35.56 20.72
N VAL D 269 -21.77 -36.26 19.62
CA VAL D 269 -21.21 -37.61 19.70
C VAL D 269 -19.70 -37.51 19.88
N THR D 270 -19.22 -38.07 20.98
CA THR D 270 -17.80 -37.99 21.33
C THR D 270 -17.10 -39.35 21.25
N ASN D 271 -17.86 -40.42 21.05
CA ASN D 271 -17.30 -41.74 20.79
C ASN D 271 -17.54 -42.10 19.34
N ARG D 272 -16.52 -41.92 18.50
CA ARG D 272 -16.66 -42.14 17.07
C ARG D 272 -15.80 -43.32 16.60
N GLU D 273 -15.49 -43.38 15.32
CA GLU D 273 -14.89 -44.59 14.73
C GLU D 273 -13.52 -44.90 15.32
N ILE D 274 -12.72 -43.87 15.55
CA ILE D 274 -11.39 -44.01 16.14
C ILE D 274 -11.44 -43.65 17.62
N PRO D 275 -11.35 -44.65 18.51
CA PRO D 275 -11.52 -44.39 19.95
C PRO D 275 -10.49 -43.45 20.56
N GLU D 276 -9.25 -43.47 20.08
CA GLU D 276 -8.19 -42.66 20.66
C GLU D 276 -8.41 -41.15 20.43
N LEU D 277 -9.33 -40.78 19.55
CA LEU D 277 -9.61 -39.37 19.28
C LEU D 277 -10.69 -38.81 20.21
N THR D 278 -11.31 -39.68 21.00
CA THR D 278 -12.38 -39.28 21.91
C THR D 278 -12.08 -38.02 22.74
N PRO D 279 -10.88 -37.91 23.33
CA PRO D 279 -10.58 -36.73 24.14
C PRO D 279 -10.67 -35.43 23.34
N TYR D 280 -10.34 -35.49 22.06
CA TYR D 280 -10.40 -34.28 21.22
C TYR D 280 -11.84 -33.98 20.83
N TYR D 281 -12.64 -35.02 20.64
CA TYR D 281 -14.05 -34.81 20.36
C TYR D 281 -14.72 -34.24 21.62
N GLU D 282 -14.29 -34.72 22.79
CA GLU D 282 -14.81 -34.21 24.07
C GLU D 282 -14.41 -32.75 24.25
N GLN D 283 -13.17 -32.42 23.97
CA GLN D 283 -12.70 -31.03 24.08
C GLN D 283 -13.46 -30.13 23.13
N ARG D 284 -13.73 -30.63 21.93
CA ARG D 284 -14.43 -29.86 20.91
C ARG D 284 -15.86 -29.54 21.37
N LEU D 285 -16.54 -30.51 21.99
CA LEU D 285 -17.87 -30.27 22.50
C LEU D 285 -17.85 -29.20 23.60
N GLN D 286 -16.89 -29.29 24.50
CA GLN D 286 -16.75 -28.27 25.53
C GLN D 286 -16.48 -26.90 24.94
N PHE D 287 -15.64 -26.86 23.91
CA PHE D 287 -15.40 -25.60 23.20
C PHE D 287 -16.73 -25.04 22.68
N LEU D 288 -17.54 -25.90 22.06
CA LEU D 288 -18.78 -25.46 21.43
C LEU D 288 -19.79 -24.93 22.46
N ILE D 289 -19.80 -25.55 23.63
CA ILE D 289 -20.65 -25.08 24.75
C ILE D 289 -20.22 -23.68 25.18
N HIS D 290 -18.91 -23.51 25.32
CA HIS D 290 -18.37 -22.21 25.69
C HIS D 290 -18.55 -21.19 24.58
N PHE D 291 -18.35 -21.60 23.33
CA PHE D 291 -18.56 -20.68 22.22
C PHE D 291 -20.01 -20.22 22.14
N TYR D 292 -20.94 -21.13 22.43
CA TYR D 292 -22.36 -20.79 22.42
C TYR D 292 -22.67 -19.63 23.36
N GLU D 293 -22.07 -19.68 24.56
CA GLU D 293 -22.32 -18.63 25.54
C GLU D 293 -21.67 -17.31 25.13
N PHE D 294 -20.46 -17.39 24.57
CA PHE D 294 -19.80 -16.20 24.04
C PHE D 294 -20.67 -15.56 22.96
N ALA D 295 -21.18 -16.39 22.05
CA ALA D 295 -22.03 -15.91 20.97
C ALA D 295 -23.31 -15.29 21.54
N ARG D 296 -23.87 -15.95 22.54
CA ARG D 296 -25.06 -15.46 23.23
C ARG D 296 -24.84 -14.08 23.82
N GLN D 297 -23.78 -13.95 24.61
CA GLN D 297 -23.47 -12.68 25.26
C GLN D 297 -23.12 -11.60 24.27
N SER D 298 -22.51 -11.99 23.15
CA SER D 298 -22.17 -11.02 22.12
C SER D 298 -23.42 -10.41 21.51
N LEU D 299 -24.47 -11.21 21.40
CA LEU D 299 -25.73 -10.73 20.85
C LEU D 299 -26.47 -9.87 21.88
N MET D 300 -26.08 -9.97 23.14
CA MET D 300 -26.77 -9.28 24.22
C MET D 300 -25.97 -8.08 24.72
N GLY D 301 -24.82 -7.81 24.10
CA GLY D 301 -24.10 -6.59 24.38
C GLY D 301 -22.59 -6.70 24.51
N TYR D 302 -22.08 -7.90 24.77
CA TYR D 302 -20.64 -8.07 24.89
C TYR D 302 -19.99 -7.73 23.54
N SER D 303 -19.00 -6.84 23.57
CA SER D 303 -18.39 -6.36 22.33
C SER D 303 -16.91 -6.75 22.18
N GLY D 304 -16.41 -7.55 23.12
CA GLY D 304 -15.02 -7.99 23.07
C GLY D 304 -14.80 -9.17 22.15
N THR D 305 -13.56 -9.62 22.05
CA THR D 305 -13.21 -10.78 21.24
C THR D 305 -13.43 -12.06 22.02
N TRP D 306 -13.33 -13.17 21.32
CA TRP D 306 -13.38 -14.49 21.96
C TRP D 306 -12.23 -14.65 22.95
N SER D 307 -11.03 -14.25 22.54
CA SER D 307 -9.86 -14.39 23.42
C SER D 307 -10.00 -13.60 24.73
N GLU D 308 -10.73 -12.50 24.68
CA GLU D 308 -10.93 -11.64 25.85
C GLU D 308 -12.05 -12.14 26.73
N TRP D 309 -12.93 -12.98 26.18
CA TRP D 309 -14.09 -13.47 26.91
C TRP D 309 -13.66 -14.42 28.03
P PO4 E . 21.42 13.47 -24.39
O1 PO4 E . 22.77 13.31 -25.06
O2 PO4 E . 21.13 14.96 -24.24
O3 PO4 E . 20.32 12.87 -25.25
O4 PO4 E . 21.41 12.77 -23.05
P PO4 F . 18.52 13.44 -28.25
O1 PO4 F . 20.01 13.31 -27.97
O2 PO4 F . 18.12 14.83 -27.72
O3 PO4 F . 18.24 13.38 -29.72
O4 PO4 F . 17.85 12.27 -27.51
CL CL G . 7.30 21.77 -4.50
CL CL H . 10.57 10.97 -53.28
P PO4 I . 20.52 -1.74 -10.29
O1 PO4 I . 21.03 -0.88 -11.43
O2 PO4 I . 21.02 -3.16 -10.39
O3 PO4 I . 18.99 -1.79 -10.42
O4 PO4 I . 20.86 -1.16 -8.94
P PO4 J . 16.16 -3.67 -9.23
O1 PO4 J . 16.82 -4.97 -9.68
O2 PO4 J . 17.22 -2.85 -8.50
O3 PO4 J . 15.71 -2.86 -10.43
O4 PO4 J . 15.04 -4.01 -8.29
C TRS K . 31.37 -22.66 -9.87
C1 TRS K . 32.68 -22.19 -10.51
C2 TRS K . 30.17 -21.98 -10.54
C3 TRS K . 31.40 -22.34 -8.37
N TRS K . 31.23 -24.11 -10.03
O1 TRS K . 33.74 -23.02 -10.10
O2 TRS K . 30.15 -22.32 -11.90
O3 TRS K . 30.25 -22.86 -7.76
H11 TRS K . 32.58 -22.22 -11.60
H12 TRS K . 32.88 -21.16 -10.22
H21 TRS K . 30.25 -20.90 -10.44
H22 TRS K . 29.25 -22.31 -10.06
H31 TRS K . 31.44 -21.26 -8.23
H32 TRS K . 32.29 -22.77 -7.92
HN1 TRS K . 30.40 -24.49 -9.61
HN2 TRS K . 31.41 -24.43 -10.98
HN3 TRS K . 31.99 -24.50 -9.48
HO1 TRS K . 34.57 -22.72 -10.52
HO2 TRS K . 29.38 -21.89 -12.34
HO3 TRS K . 30.27 -22.66 -6.80
CL CL L . 15.60 3.16 -16.04
CL CL M . -6.08 -9.41 3.49
C1 GOL N . 35.12 -23.94 -14.89
O1 GOL N . 34.99 -25.26 -14.45
C2 GOL N . 34.60 -23.04 -13.79
O2 GOL N . 35.25 -23.36 -12.58
C3 GOL N . 34.86 -21.58 -14.15
O3 GOL N . 34.24 -20.74 -13.20
H11 GOL N . 34.54 -23.80 -15.80
H12 GOL N . 36.17 -23.72 -15.11
HO1 GOL N . 35.26 -25.87 -15.17
H2 GOL N . 33.52 -23.19 -13.68
HO2 GOL N . 36.21 -23.21 -12.66
H31 GOL N . 34.45 -21.37 -15.14
H32 GOL N . 35.93 -21.39 -14.18
HO3 GOL N . 34.80 -20.70 -12.40
P PO4 O . -8.78 17.77 37.65
O1 PO4 O . -7.28 17.56 37.89
O2 PO4 O . -9.18 19.10 38.23
O3 PO4 O . -9.01 17.80 36.16
O4 PO4 O . -9.51 16.61 38.25
P PO4 P . -5.98 17.40 41.54
O1 PO4 P . -4.61 17.33 40.89
O2 PO4 P . -6.25 18.84 41.89
O3 PO4 P . -7.09 16.97 40.60
O4 PO4 P . -6.01 16.59 42.81
CL CL Q . -20.41 25.05 61.44
P PO4 R . -13.96 -36.04 12.65
O1 PO4 R . -14.06 -35.71 11.16
O2 PO4 R . -13.83 -34.76 13.45
O3 PO4 R . -12.77 -36.93 12.89
O4 PO4 R . -15.19 -36.80 13.04
P PO4 S . -12.44 -33.69 8.72
O1 PO4 S . -11.45 -33.42 7.61
O2 PO4 S . -11.95 -34.79 9.63
O3 PO4 S . -13.73 -34.24 8.13
O4 PO4 S . -12.67 -32.46 9.57
#